data_3NIJ
# 
_entry.id   3NIJ 
# 
_audit_conform.dict_name       mmcif_pdbx.dic 
_audit_conform.dict_version    5.399 
_audit_conform.dict_location   http://mmcif.pdb.org/dictionaries/ascii/mmcif_pdbx.dic 
# 
loop_
_database_2.database_id 
_database_2.database_code 
_database_2.pdbx_database_accession 
_database_2.pdbx_DOI 
PDB   3NIJ         pdb_00003nij 10.2210/pdb3nij/pdb 
RCSB  RCSB059872   ?            ?                   
WWPDB D_1000059872 ?            ?                   
# 
loop_
_pdbx_audit_revision_history.ordinal 
_pdbx_audit_revision_history.data_content_type 
_pdbx_audit_revision_history.major_revision 
_pdbx_audit_revision_history.minor_revision 
_pdbx_audit_revision_history.revision_date 
1 'Structure model' 1 0 2010-09-15 
2 'Structure model' 1 1 2011-07-13 
3 'Structure model' 1 2 2017-11-08 
4 'Structure model' 1 3 2023-11-01 
5 'Structure model' 1 4 2024-11-20 
# 
_pdbx_audit_revision_details.ordinal             1 
_pdbx_audit_revision_details.revision_ordinal    1 
_pdbx_audit_revision_details.data_content_type   'Structure model' 
_pdbx_audit_revision_details.provider            repository 
_pdbx_audit_revision_details.type                'Initial release' 
_pdbx_audit_revision_details.description         ? 
_pdbx_audit_revision_details.details             ? 
# 
loop_
_pdbx_audit_revision_group.ordinal 
_pdbx_audit_revision_group.revision_ordinal 
_pdbx_audit_revision_group.data_content_type 
_pdbx_audit_revision_group.group 
1 2 'Structure model' 'Version format compliance' 
2 3 'Structure model' 'Refinement description'    
3 4 'Structure model' 'Data collection'           
4 4 'Structure model' 'Database references'       
5 4 'Structure model' 'Derived calculations'      
6 4 'Structure model' 'Refinement description'    
7 5 'Structure model' 'Structure summary'         
# 
loop_
_pdbx_audit_revision_category.ordinal 
_pdbx_audit_revision_category.revision_ordinal 
_pdbx_audit_revision_category.data_content_type 
_pdbx_audit_revision_category.category 
1  3 'Structure model' software                      
2  4 'Structure model' chem_comp_atom                
3  4 'Structure model' chem_comp_bond                
4  4 'Structure model' database_2                    
5  4 'Structure model' pdbx_initial_refinement_model 
6  4 'Structure model' pdbx_struct_conn_angle        
7  4 'Structure model' struct_conn                   
8  4 'Structure model' struct_ref_seq_dif            
9  4 'Structure model' struct_site                   
10 5 'Structure model' pdbx_entry_details            
11 5 'Structure model' pdbx_modification_feature     
# 
loop_
_pdbx_audit_revision_item.ordinal 
_pdbx_audit_revision_item.revision_ordinal 
_pdbx_audit_revision_item.data_content_type 
_pdbx_audit_revision_item.item 
1  4 'Structure model' '_database_2.pdbx_DOI'                        
2  4 'Structure model' '_database_2.pdbx_database_accession'         
3  4 'Structure model' '_pdbx_struct_conn_angle.ptnr1_auth_comp_id'  
4  4 'Structure model' '_pdbx_struct_conn_angle.ptnr1_auth_seq_id'   
5  4 'Structure model' '_pdbx_struct_conn_angle.ptnr1_label_atom_id' 
6  4 'Structure model' '_pdbx_struct_conn_angle.ptnr1_label_comp_id' 
7  4 'Structure model' '_pdbx_struct_conn_angle.ptnr1_label_seq_id'  
8  4 'Structure model' '_pdbx_struct_conn_angle.ptnr2_auth_seq_id'   
9  4 'Structure model' '_pdbx_struct_conn_angle.ptnr2_label_asym_id' 
10 4 'Structure model' '_pdbx_struct_conn_angle.ptnr3_auth_comp_id'  
11 4 'Structure model' '_pdbx_struct_conn_angle.ptnr3_auth_seq_id'   
12 4 'Structure model' '_pdbx_struct_conn_angle.ptnr3_label_atom_id' 
13 4 'Structure model' '_pdbx_struct_conn_angle.ptnr3_label_comp_id' 
14 4 'Structure model' '_pdbx_struct_conn_angle.ptnr3_label_seq_id'  
15 4 'Structure model' '_pdbx_struct_conn_angle.value'               
16 4 'Structure model' '_struct_conn.pdbx_dist_value'                
17 4 'Structure model' '_struct_conn.ptnr1_auth_comp_id'             
18 4 'Structure model' '_struct_conn.ptnr1_auth_seq_id'              
19 4 'Structure model' '_struct_conn.ptnr1_label_asym_id'            
20 4 'Structure model' '_struct_conn.ptnr1_label_atom_id'            
21 4 'Structure model' '_struct_conn.ptnr1_label_comp_id'            
22 4 'Structure model' '_struct_conn.ptnr1_label_seq_id'             
23 4 'Structure model' '_struct_conn.ptnr2_auth_comp_id'             
24 4 'Structure model' '_struct_conn.ptnr2_auth_seq_id'              
25 4 'Structure model' '_struct_conn.ptnr2_label_asym_id'            
26 4 'Structure model' '_struct_conn.ptnr2_label_atom_id'            
27 4 'Structure model' '_struct_conn.ptnr2_label_comp_id'            
28 4 'Structure model' '_struct_conn.ptnr2_label_seq_id'             
29 4 'Structure model' '_struct_ref_seq_dif.details'                 
30 4 'Structure model' '_struct_site.pdbx_auth_asym_id'              
31 4 'Structure model' '_struct_site.pdbx_auth_comp_id'              
32 4 'Structure model' '_struct_site.pdbx_auth_seq_id'               
# 
_pdbx_database_status.entry_id                        3NIJ 
_pdbx_database_status.status_code                     REL 
_pdbx_database_status.deposit_site                    RCSB 
_pdbx_database_status.process_site                    PDBJ 
_pdbx_database_status.recvd_initial_deposition_date   2010-06-16 
_pdbx_database_status.status_code_sf                  REL 
_pdbx_database_status.status_code_mr                  ? 
_pdbx_database_status.SG_entry                        ? 
_pdbx_database_status.pdb_format_compatible           Y 
_pdbx_database_status.status_code_cs                  ? 
_pdbx_database_status.methods_development_category    ? 
_pdbx_database_status.status_code_nmr_data            ? 
# 
loop_
_pdbx_database_related.db_name 
_pdbx_database_related.db_id 
_pdbx_database_related.details 
_pdbx_database_related.content_type 
PDB 3NIH 'UBR box (RIAAA)'   unspecified 
PDB 3NII 'UBR box (KIAA)'    unspecified 
PDB 3NIK 'UBR box (REAA)'    unspecified 
PDB 3NIL 'UBR box (RDAA)'    unspecified 
PDB 3NIM 'UBR box (RRAA)'    unspecified 
PDB 3NIN 'UBR box (RLGES)'   unspecified 
PDB 3NIS 'UBR box (native2)' unspecified 
PDB 3NIT 'UBR box (native1)' unspecified 
# 
loop_
_audit_author.name 
_audit_author.pdbx_ordinal 
'Choi, W.S.'   1 
'Jeong, B.-C.' 2 
'Lee, M.-R.'   3 
'Song, H.K.'   4 
# 
_citation.id                        primary 
_citation.title                     
'Structural basis for the recognition of N-end rule substrates by the UBR box of ubiquitin ligases' 
_citation.journal_abbrev            Nat.Struct.Mol.Biol. 
_citation.journal_volume            17 
_citation.page_first                1175 
_citation.page_last                 1181 
_citation.year                      2010 
_citation.journal_id_ASTM           ? 
_citation.country                   US 
_citation.journal_id_ISSN           1545-9993 
_citation.journal_id_CSD            ? 
_citation.book_publisher            ? 
_citation.pdbx_database_id_PubMed   20835240 
_citation.pdbx_database_id_DOI      10.1038/nsmb.1907 
# 
loop_
_citation_author.citation_id 
_citation_author.name 
_citation_author.ordinal 
_citation_author.identifier_ORCID 
primary 'Choi, W.S.'   1 ? 
primary 'Jeong, B.-C.' 2 ? 
primary 'Joo, Y.J.'    3 ? 
primary 'Lee, M.-R.'   4 ? 
primary 'Kim, J.'      5 ? 
primary 'Eck, M.J.'    6 ? 
primary 'Song, H.K.'   7 ? 
# 
loop_
_entity.id 
_entity.type 
_entity.src_method 
_entity.pdbx_description 
_entity.formula_weight 
_entity.pdbx_number_of_molecules 
_entity.pdbx_ec 
_entity.pdbx_mutation 
_entity.pdbx_fragment 
_entity.details 
1 polymer     man 'E3 ubiquitin-protein ligase UBR1' 9236.394 1  ? ? 'UBR-type domain, residues 115-194' 'UBR box' 
2 polymer     syn 'Peptide HIAA'                     411.475  1  ? ? ?                                   ?         
3 non-polymer syn 'ZINC ION'                         65.409   3  ? ? ?                                   ?         
4 water       nat water                              18.015   19 ? ? ?                                   ?         
# 
_entity_name_com.entity_id   1 
_entity_name_com.name        'N-recognin-1, N-end-recognizing protein' 
# 
loop_
_entity_poly.entity_id 
_entity_poly.type 
_entity_poly.nstd_linkage 
_entity_poly.nstd_monomer 
_entity_poly.pdbx_seq_one_letter_code 
_entity_poly.pdbx_seq_one_letter_code_can 
_entity_poly.pdbx_strand_id 
_entity_poly.pdbx_target_identifier 
1 'polypeptide(L)' no no 
;GSVHKHTGRNCGRKFKIGEPLYRCHECGCDDTCVLCIHCFNPKDHVNHHVCTDICTEFTSGICDCGDEEAWNSPLHCKAE
EQ
;
;GSVHKHTGRNCGRKFKIGEPLYRCHECGCDDTCVLCIHCFNPKDHVNHHVCTDICTEFTSGICDCGDEEAWNSPLHCKAE
EQ
;
A ? 
2 'polypeptide(L)' no no HIAA                                                                                  HIAA B ? 
# 
loop_
_pdbx_entity_nonpoly.entity_id 
_pdbx_entity_nonpoly.name 
_pdbx_entity_nonpoly.comp_id 
3 'ZINC ION' ZN  
4 water      HOH 
# 
loop_
_entity_poly_seq.entity_id 
_entity_poly_seq.num 
_entity_poly_seq.mon_id 
_entity_poly_seq.hetero 
1 1  GLY n 
1 2  SER n 
1 3  VAL n 
1 4  HIS n 
1 5  LYS n 
1 6  HIS n 
1 7  THR n 
1 8  GLY n 
1 9  ARG n 
1 10 ASN n 
1 11 CYS n 
1 12 GLY n 
1 13 ARG n 
1 14 LYS n 
1 15 PHE n 
1 16 LYS n 
1 17 ILE n 
1 18 GLY n 
1 19 GLU n 
1 20 PRO n 
1 21 LEU n 
1 22 TYR n 
1 23 ARG n 
1 24 CYS n 
1 25 HIS n 
1 26 GLU n 
1 27 CYS n 
1 28 GLY n 
1 29 CYS n 
1 30 ASP n 
1 31 ASP n 
1 32 THR n 
1 33 CYS n 
1 34 VAL n 
1 35 LEU n 
1 36 CYS n 
1 37 ILE n 
1 38 HIS n 
1 39 CYS n 
1 40 PHE n 
1 41 ASN n 
1 42 PRO n 
1 43 LYS n 
1 44 ASP n 
1 45 HIS n 
1 46 VAL n 
1 47 ASN n 
1 48 HIS n 
1 49 HIS n 
1 50 VAL n 
1 51 CYS n 
1 52 THR n 
1 53 ASP n 
1 54 ILE n 
1 55 CYS n 
1 56 THR n 
1 57 GLU n 
1 58 PHE n 
1 59 THR n 
1 60 SER n 
1 61 GLY n 
1 62 ILE n 
1 63 CYS n 
1 64 ASP n 
1 65 CYS n 
1 66 GLY n 
1 67 ASP n 
1 68 GLU n 
1 69 GLU n 
1 70 ALA n 
1 71 TRP n 
1 72 ASN n 
1 73 SER n 
1 74 PRO n 
1 75 LEU n 
1 76 HIS n 
1 77 CYS n 
1 78 LYS n 
1 79 ALA n 
1 80 GLU n 
1 81 GLU n 
1 82 GLN n 
2 1  HIS n 
2 2  ILE n 
2 3  ALA n 
2 4  ALA n 
# 
_entity_src_gen.entity_id                          1 
_entity_src_gen.pdbx_src_id                        1 
_entity_src_gen.pdbx_alt_source_flag               sample 
_entity_src_gen.pdbx_seq_type                      ? 
_entity_src_gen.pdbx_beg_seq_num                   ? 
_entity_src_gen.pdbx_end_seq_num                   ? 
_entity_src_gen.gene_src_common_name               
;Baker's yeast
;
_entity_src_gen.gene_src_genus                     ? 
_entity_src_gen.pdbx_gene_src_gene                 ? 
_entity_src_gen.gene_src_species                   ? 
_entity_src_gen.gene_src_strain                    ? 
_entity_src_gen.gene_src_tissue                    ? 
_entity_src_gen.gene_src_tissue_fraction           ? 
_entity_src_gen.gene_src_details                   ? 
_entity_src_gen.pdbx_gene_src_fragment             ? 
_entity_src_gen.pdbx_gene_src_scientific_name      'Saccharomyces cerevisiae' 
_entity_src_gen.pdbx_gene_src_ncbi_taxonomy_id     4932 
_entity_src_gen.pdbx_gene_src_variant              ? 
_entity_src_gen.pdbx_gene_src_cell_line            ? 
_entity_src_gen.pdbx_gene_src_atcc                 ? 
_entity_src_gen.pdbx_gene_src_organ                ? 
_entity_src_gen.pdbx_gene_src_organelle            ? 
_entity_src_gen.pdbx_gene_src_cell                 ? 
_entity_src_gen.pdbx_gene_src_cellular_location    ? 
_entity_src_gen.host_org_common_name               ? 
_entity_src_gen.pdbx_host_org_scientific_name      'Escherichia coli' 
_entity_src_gen.pdbx_host_org_ncbi_taxonomy_id     469008 
_entity_src_gen.host_org_genus                     ? 
_entity_src_gen.pdbx_host_org_gene                 ? 
_entity_src_gen.pdbx_host_org_organ                ? 
_entity_src_gen.host_org_species                   ? 
_entity_src_gen.pdbx_host_org_tissue               ? 
_entity_src_gen.pdbx_host_org_tissue_fraction      ? 
_entity_src_gen.pdbx_host_org_strain               'BL21(DE3) RIL' 
_entity_src_gen.pdbx_host_org_variant              ? 
_entity_src_gen.pdbx_host_org_cell_line            ? 
_entity_src_gen.pdbx_host_org_atcc                 ? 
_entity_src_gen.pdbx_host_org_culture_collection   ? 
_entity_src_gen.pdbx_host_org_cell                 ? 
_entity_src_gen.pdbx_host_org_organelle            ? 
_entity_src_gen.pdbx_host_org_cellular_location    ? 
_entity_src_gen.pdbx_host_org_vector_type          plasmid 
_entity_src_gen.pdbx_host_org_vector               ? 
_entity_src_gen.host_org_details                   ? 
_entity_src_gen.expression_system_id               ? 
_entity_src_gen.plasmid_name                       pET 
_entity_src_gen.plasmid_details                    ? 
_entity_src_gen.pdbx_description                   ? 
# 
_pdbx_entity_src_syn.entity_id              2 
_pdbx_entity_src_syn.pdbx_src_id            1 
_pdbx_entity_src_syn.pdbx_alt_source_flag   sample 
_pdbx_entity_src_syn.pdbx_beg_seq_num       ? 
_pdbx_entity_src_syn.pdbx_end_seq_num       ? 
_pdbx_entity_src_syn.organism_scientific    ? 
_pdbx_entity_src_syn.organism_common_name   ? 
_pdbx_entity_src_syn.ncbi_taxonomy_id       ? 
_pdbx_entity_src_syn.details                'chemical synthesis' 
# 
loop_
_chem_comp.id 
_chem_comp.type 
_chem_comp.mon_nstd_flag 
_chem_comp.name 
_chem_comp.pdbx_synonyms 
_chem_comp.formula 
_chem_comp.formula_weight 
ALA 'L-peptide linking' y ALANINE         ? 'C3 H7 N O2'     89.093  
ARG 'L-peptide linking' y ARGININE        ? 'C6 H15 N4 O2 1' 175.209 
ASN 'L-peptide linking' y ASPARAGINE      ? 'C4 H8 N2 O3'    132.118 
ASP 'L-peptide linking' y 'ASPARTIC ACID' ? 'C4 H7 N O4'     133.103 
CYS 'L-peptide linking' y CYSTEINE        ? 'C3 H7 N O2 S'   121.158 
GLN 'L-peptide linking' y GLUTAMINE       ? 'C5 H10 N2 O3'   146.144 
GLU 'L-peptide linking' y 'GLUTAMIC ACID' ? 'C5 H9 N O4'     147.129 
GLY 'peptide linking'   y GLYCINE         ? 'C2 H5 N O2'     75.067  
HIS 'L-peptide linking' y HISTIDINE       ? 'C6 H10 N3 O2 1' 156.162 
HOH non-polymer         . WATER           ? 'H2 O'           18.015  
ILE 'L-peptide linking' y ISOLEUCINE      ? 'C6 H13 N O2'    131.173 
LEU 'L-peptide linking' y LEUCINE         ? 'C6 H13 N O2'    131.173 
LYS 'L-peptide linking' y LYSINE          ? 'C6 H15 N2 O2 1' 147.195 
PHE 'L-peptide linking' y PHENYLALANINE   ? 'C9 H11 N O2'    165.189 
PRO 'L-peptide linking' y PROLINE         ? 'C5 H9 N O2'     115.130 
SER 'L-peptide linking' y SERINE          ? 'C3 H7 N O3'     105.093 
THR 'L-peptide linking' y THREONINE       ? 'C4 H9 N O3'     119.119 
TRP 'L-peptide linking' y TRYPTOPHAN      ? 'C11 H12 N2 O2'  204.225 
TYR 'L-peptide linking' y TYROSINE        ? 'C9 H11 N O3'    181.189 
VAL 'L-peptide linking' y VALINE          ? 'C5 H11 N O2'    117.146 
ZN  non-polymer         . 'ZINC ION'      ? 'Zn 2'           65.409  
# 
loop_
_pdbx_poly_seq_scheme.asym_id 
_pdbx_poly_seq_scheme.entity_id 
_pdbx_poly_seq_scheme.seq_id 
_pdbx_poly_seq_scheme.mon_id 
_pdbx_poly_seq_scheme.ndb_seq_num 
_pdbx_poly_seq_scheme.pdb_seq_num 
_pdbx_poly_seq_scheme.auth_seq_num 
_pdbx_poly_seq_scheme.pdb_mon_id 
_pdbx_poly_seq_scheme.auth_mon_id 
_pdbx_poly_seq_scheme.pdb_strand_id 
_pdbx_poly_seq_scheme.pdb_ins_code 
_pdbx_poly_seq_scheme.hetero 
A 1 1  GLY 1  113 ?   ?   ?   A . n 
A 1 2  SER 2  114 ?   ?   ?   A . n 
A 1 3  VAL 3  115 115 VAL VAL A . n 
A 1 4  HIS 4  116 116 HIS HIS A . n 
A 1 5  LYS 5  117 117 LYS LYS A . n 
A 1 6  HIS 6  118 118 HIS HIS A . n 
A 1 7  THR 7  119 119 THR THR A . n 
A 1 8  GLY 8  120 120 GLY GLY A . n 
A 1 9  ARG 9  121 121 ARG ARG A . n 
A 1 10 ASN 10 122 122 ASN ASN A . n 
A 1 11 CYS 11 123 123 CYS CYS A . n 
A 1 12 GLY 12 124 124 GLY GLY A . n 
A 1 13 ARG 13 125 125 ARG ARG A . n 
A 1 14 LYS 14 126 126 LYS LYS A . n 
A 1 15 PHE 15 127 127 PHE PHE A . n 
A 1 16 LYS 16 128 128 LYS LYS A . n 
A 1 17 ILE 17 129 129 ILE ILE A . n 
A 1 18 GLY 18 130 130 GLY GLY A . n 
A 1 19 GLU 19 131 131 GLU GLU A . n 
A 1 20 PRO 20 132 132 PRO PRO A . n 
A 1 21 LEU 21 133 133 LEU LEU A . n 
A 1 22 TYR 22 134 134 TYR TYR A . n 
A 1 23 ARG 23 135 135 ARG ARG A . n 
A 1 24 CYS 24 136 136 CYS CYS A . n 
A 1 25 HIS 25 137 137 HIS HIS A . n 
A 1 26 GLU 26 138 138 GLU GLU A . n 
A 1 27 CYS 27 139 139 CYS CYS A . n 
A 1 28 GLY 28 140 140 GLY GLY A . n 
A 1 29 CYS 29 141 141 CYS CYS A . n 
A 1 30 ASP 30 142 142 ASP ASP A . n 
A 1 31 ASP 31 143 143 ASP ASP A . n 
A 1 32 THR 32 144 144 THR THR A . n 
A 1 33 CYS 33 145 145 CYS CYS A . n 
A 1 34 VAL 34 146 146 VAL VAL A . n 
A 1 35 LEU 35 147 147 LEU LEU A . n 
A 1 36 CYS 36 148 148 CYS CYS A . n 
A 1 37 ILE 37 149 149 ILE ILE A . n 
A 1 38 HIS 38 150 150 HIS HIS A . n 
A 1 39 CYS 39 151 151 CYS CYS A . n 
A 1 40 PHE 40 152 152 PHE PHE A . n 
A 1 41 ASN 41 153 153 ASN ASN A . n 
A 1 42 PRO 42 154 154 PRO PRO A . n 
A 1 43 LYS 43 155 155 LYS LYS A . n 
A 1 44 ASP 44 156 156 ASP ASP A . n 
A 1 45 HIS 45 157 157 HIS HIS A . n 
A 1 46 VAL 46 158 158 VAL VAL A . n 
A 1 47 ASN 47 159 159 ASN ASN A . n 
A 1 48 HIS 48 160 160 HIS HIS A . n 
A 1 49 HIS 49 161 161 HIS HIS A . n 
A 1 50 VAL 50 162 162 VAL VAL A . n 
A 1 51 CYS 51 163 163 CYS CYS A . n 
A 1 52 THR 52 164 164 THR THR A . n 
A 1 53 ASP 53 165 165 ASP ASP A . n 
A 1 54 ILE 54 166 166 ILE ILE A . n 
A 1 55 CYS 55 167 167 CYS CYS A . n 
A 1 56 THR 56 168 168 THR THR A . n 
A 1 57 GLU 57 169 169 GLU GLU A . n 
A 1 58 PHE 58 170 170 PHE PHE A . n 
A 1 59 THR 59 171 171 THR THR A . n 
A 1 60 SER 60 172 172 SER SER A . n 
A 1 61 GLY 61 173 173 GLY GLY A . n 
A 1 62 ILE 62 174 174 ILE ILE A . n 
A 1 63 CYS 63 175 175 CYS CYS A . n 
A 1 64 ASP 64 176 176 ASP ASP A . n 
A 1 65 CYS 65 177 177 CYS CYS A . n 
A 1 66 GLY 66 178 178 GLY GLY A . n 
A 1 67 ASP 67 179 179 ASP ASP A . n 
A 1 68 GLU 68 180 180 GLU GLU A . n 
A 1 69 GLU 69 181 181 GLU GLU A . n 
A 1 70 ALA 70 182 182 ALA ALA A . n 
A 1 71 TRP 71 183 183 TRP TRP A . n 
A 1 72 ASN 72 184 184 ASN ASN A . n 
A 1 73 SER 73 185 185 SER SER A . n 
A 1 74 PRO 74 186 186 PRO PRO A . n 
A 1 75 LEU 75 187 187 LEU LEU A . n 
A 1 76 HIS 76 188 188 HIS HIS A . n 
A 1 77 CYS 77 189 189 CYS CYS A . n 
A 1 78 LYS 78 190 190 LYS LYS A . n 
A 1 79 ALA 79 191 191 ALA ALA A . n 
A 1 80 GLU 80 192 192 GLU GLU A . n 
A 1 81 GLU 81 193 193 GLU GLU A . n 
A 1 82 GLN 82 194 ?   ?   ?   A . n 
B 2 1  HIS 1  1   1   HIS HIS B . n 
B 2 2  ILE 2  2   2   ILE ILE B . n 
B 2 3  ALA 3  3   3   ALA ALA B . n 
B 2 4  ALA 4  4   ?   ?   ?   B . n 
# 
loop_
_pdbx_nonpoly_scheme.asym_id 
_pdbx_nonpoly_scheme.entity_id 
_pdbx_nonpoly_scheme.mon_id 
_pdbx_nonpoly_scheme.ndb_seq_num 
_pdbx_nonpoly_scheme.pdb_seq_num 
_pdbx_nonpoly_scheme.auth_seq_num 
_pdbx_nonpoly_scheme.pdb_mon_id 
_pdbx_nonpoly_scheme.auth_mon_id 
_pdbx_nonpoly_scheme.pdb_strand_id 
_pdbx_nonpoly_scheme.pdb_ins_code 
C 3 ZN  1  1   1  ZN  ZN  A . 
D 3 ZN  1  2   2  ZN  ZN  A . 
E 3 ZN  1  3   3  ZN  ZN  A . 
F 4 HOH 1  4   4  HOH HOH A . 
F 4 HOH 2  5   5  HOH HOH A . 
F 4 HOH 3  6   6  HOH HOH A . 
F 4 HOH 4  7   7  HOH HOH A . 
F 4 HOH 5  8   8  HOH HOH A . 
F 4 HOH 6  9   9  HOH HOH A . 
F 4 HOH 7  10  10 HOH HOH A . 
F 4 HOH 8  11  11 HOH HOH A . 
F 4 HOH 9  12  12 HOH HOH A . 
F 4 HOH 10 13  13 HOH HOH A . 
F 4 HOH 11 14  14 HOH HOH A . 
F 4 HOH 12 15  15 HOH HOH A . 
F 4 HOH 13 16  16 HOH HOH A . 
F 4 HOH 14 17  17 HOH HOH A . 
F 4 HOH 15 18  18 HOH HOH A . 
F 4 HOH 16 19  19 HOH HOH A . 
F 4 HOH 17 195 1  HOH HOH A . 
F 4 HOH 18 196 2  HOH HOH A . 
F 4 HOH 19 197 3  HOH HOH A . 
# 
loop_
_software.pdbx_ordinal 
_software.name 
_software.version 
_software.date 
_software.type 
_software.contact_author 
_software.contact_author_email 
_software.classification 
_software.location 
_software.language 
_software.citation_id 
1 DENZO       .        ?               package 'Zbyszek Otwinowski' hkl@hkl-xray.com         'data reduction'  
http://www.hkl-xray.com/                     ?          ? 
2 SCALEPACK   .        ?               package 'Zbyszek Otwinowski' hkl@hkl-xray.com         'data scaling'    
http://www.hkl-xray.com/                     ?          ? 
3 REFMAC      5.2.0019 ?               program 'Garib N. Murshudov' garib@ysbl.york.ac.uk    refinement        
http://www.ccp4.ac.uk/dist/html/refmac5.html Fortran_77 ? 
4 PDB_EXTRACT 3.10     'June 10, 2010' package PDB                  deposit@deposit.rcsb.org 'data extraction' 
http://sw-tools.pdb.org/apps/PDB_EXTRACT/    C++        ? 
5 HKL-2000    .        ?               ?       ?                    ?                        'data collection' ? ?          ? 
6 HKL-2000    .        ?               ?       ?                    ?                        'data reduction'  ? ?          ? 
7 HKL-2000    .        ?               ?       ?                    ?                        'data scaling'    ? ?          ? 
8 MOLREP      .        ?               ?       ?                    ?                        phasing           ? ?          ? 
# 
_cell.length_a           58.323 
_cell.length_b           58.323 
_cell.length_c           111.220 
_cell.angle_alpha        90.000 
_cell.angle_beta         90.000 
_cell.angle_gamma        120.000 
_cell.entry_id           3NIJ 
_cell.pdbx_unique_axis   ? 
_cell.Z_PDB              12 
_cell.length_a_esd       ? 
_cell.length_b_esd       ? 
_cell.length_c_esd       ? 
_cell.angle_alpha_esd    ? 
_cell.angle_beta_esd     ? 
_cell.angle_gamma_esd    ? 
# 
_symmetry.space_group_name_H-M             'P 61 2 2' 
_symmetry.entry_id                         3NIJ 
_symmetry.Int_Tables_number                178 
_symmetry.pdbx_full_space_group_name_H-M   ? 
_symmetry.cell_setting                     ? 
_symmetry.space_group_name_Hall            ? 
# 
_exptl.crystals_number   1 
_exptl.entry_id          3NIJ 
_exptl.method            'X-RAY DIFFRACTION' 
# 
_exptl_crystal.id                    1 
_exptl_crystal.pdbx_mosaicity        0.576 
_exptl_crystal.pdbx_mosaicity_esd    ? 
_exptl_crystal.density_Matthews      2.83 
_exptl_crystal.density_diffrn        ? 
_exptl_crystal.density_meas          ? 
_exptl_crystal.density_meas_temp     ? 
_exptl_crystal.density_percent_sol   56.54 
_exptl_crystal.size_max              ? 
_exptl_crystal.size_mid              ? 
_exptl_crystal.size_min              ? 
_exptl_crystal.size_rad              ? 
_exptl_crystal.description           ? 
_exptl_crystal.F_000                 ? 
_exptl_crystal.preparation           ? 
# 
_exptl_crystal_grow.crystal_id      1 
_exptl_crystal_grow.method          'VAPOR DIFFUSION, HANGING DROP' 
_exptl_crystal_grow.pH              8.0 
_exptl_crystal_grow.temp            295 
_exptl_crystal_grow.pdbx_details    
;0.16M ammonium acetate, 0.01M calcium chloride dihydrate, 0.05M sodium cacodylate trihydrate pH 6.5, 8%(w/v) PEG 4000, VAPOR DIFFUSION, HANGING DROP, temperature 295K
;
_exptl_crystal_grow.temp_details    ? 
_exptl_crystal_grow.pdbx_pH_range   . 
# 
_diffrn.id                     1 
_diffrn.ambient_temp           100 
_diffrn.ambient_temp_details   ? 
_diffrn.crystal_id             1 
# 
_diffrn_detector.diffrn_id              1 
_diffrn_detector.detector               CCD 
_diffrn_detector.type                   'ADSC QUANTUM 210' 
_diffrn_detector.pdbx_collection_date   2009-03-25 
_diffrn_detector.details                ? 
# 
_diffrn_radiation.diffrn_id                        1 
_diffrn_radiation.pdbx_diffrn_protocol             'SINGLE WAVELENGTH' 
_diffrn_radiation.monochromator                    ? 
_diffrn_radiation.wavelength_id                    1 
_diffrn_radiation.pdbx_monochromatic_or_laue_m_l   M 
_diffrn_radiation.pdbx_scattering_type             x-ray 
# 
_diffrn_radiation_wavelength.id           1 
_diffrn_radiation_wavelength.wavelength   1.0000 
_diffrn_radiation_wavelength.wt           1.0 
# 
_diffrn_source.diffrn_id                   1 
_diffrn_source.source                      SYNCHROTRON 
_diffrn_source.type                        'PAL/PLS BEAMLINE 4A' 
_diffrn_source.pdbx_wavelength_list        1.0000 
_diffrn_source.pdbx_wavelength             ? 
_diffrn_source.pdbx_synchrotron_site       PAL/PLS 
_diffrn_source.pdbx_synchrotron_beamline   4A 
# 
_reflns.entry_id                     3NIJ 
_reflns.d_resolution_high            2.100 
_reflns.d_resolution_low             50.000 
_reflns.number_obs                   7022 
_reflns.pdbx_Rmerge_I_obs            0.082 
_reflns.pdbx_netI_over_sigmaI        13.700 
_reflns.pdbx_chi_squared             2.587 
_reflns.pdbx_redundancy              21.000 
_reflns.percent_possible_obs         99.600 
_reflns.observed_criterion_sigma_F   ? 
_reflns.observed_criterion_sigma_I   ? 
_reflns.number_all                   ? 
_reflns.pdbx_Rsym_value              ? 
_reflns.B_iso_Wilson_estimate        ? 
_reflns.R_free_details               ? 
_reflns.limit_h_max                  ? 
_reflns.limit_h_min                  ? 
_reflns.limit_k_max                  ? 
_reflns.limit_k_min                  ? 
_reflns.limit_l_max                  ? 
_reflns.limit_l_min                  ? 
_reflns.observed_criterion_F_max     ? 
_reflns.observed_criterion_F_min     ? 
_reflns.pdbx_scaling_rejects         ? 
_reflns.pdbx_diffrn_id               1 
_reflns.pdbx_ordinal                 1 
# 
loop_
_reflns_shell.d_res_high 
_reflns_shell.d_res_low 
_reflns_shell.number_measured_obs 
_reflns_shell.number_measured_all 
_reflns_shell.number_unique_obs 
_reflns_shell.pdbx_rejects 
_reflns_shell.Rmerge_I_obs 
_reflns_shell.meanI_over_sigI_obs 
_reflns_shell.pdbx_Rsym_value 
_reflns_shell.pdbx_chi_squared 
_reflns_shell.pdbx_redundancy 
_reflns_shell.percent_possible_obs 
_reflns_shell.pdbx_netI_over_sigmaI_obs 
_reflns_shell.number_possible 
_reflns_shell.number_unique_all 
_reflns_shell.Rmerge_F_all 
_reflns_shell.Rmerge_F_obs 
_reflns_shell.Rmerge_I_all 
_reflns_shell.meanI_over_sigI_all 
_reflns_shell.percent_possible_all 
_reflns_shell.pdbx_Rrim_I_all 
_reflns_shell.pdbx_Rpim_I_all 
_reflns_shell.pdbx_diffrn_id 
_reflns_shell.pdbx_ordinal 
2.100 2.180  ? ? ? ? 0.522 ? ? 1.011 20.600 ? ? ? 673 ? ? ? ? 100.000 ? ? ? 1  
2.180 2.260  ? ? ? ? 0.397 ? ? 1.091 22.500 ? ? ? 679 ? ? ? ? 100.000 ? ? ? 2  
2.260 2.370  ? ? ? ? 0.304 ? ? 1.292 23.100 ? ? ? 676 ? ? ? ? 99.900  ? ? ? 3  
2.370 2.490  ? ? ? ? 0.248 ? ? 1.558 22.700 ? ? ? 676 ? ? ? ? 100.000 ? ? ? 4  
2.490 2.650  ? ? ? ? 0.186 ? ? 1.896 22.600 ? ? ? 703 ? ? ? ? 99.900  ? ? ? 5  
2.650 2.850  ? ? ? ? 0.150 ? ? 2.574 22.200 ? ? ? 685 ? ? ? ? 100.000 ? ? ? 6  
2.850 3.140  ? ? ? ? 0.121 ? ? 3.505 21.500 ? ? ? 701 ? ? ? ? 99.900  ? ? ? 7  
3.140 3.590  ? ? ? ? 0.094 ? ? 4.553 19.400 ? ? ? 713 ? ? ? ? 100.000 ? ? ? 8  
3.590 4.520  ? ? ? ? 0.073 ? ? 4.820 18.300 ? ? ? 723 ? ? ? ? 99.700  ? ? ? 9  
4.520 50.000 ? ? ? ? 0.057 ? ? 4.136 18.000 ? ? ? 793 ? ? ? ? 97.400  ? ? ? 10 
# 
_refine.entry_id                                 3NIJ 
_refine.ls_d_res_high                            2.1000 
_refine.ls_d_res_low                             23.00 
_refine.pdbx_ls_sigma_F                          0.000 
_refine.pdbx_data_cutoff_high_absF               ? 
_refine.pdbx_data_cutoff_low_absF                ? 
_refine.ls_percent_reflns_obs                    99.6900 
_refine.ls_number_reflns_obs                     6980 
_refine.ls_number_reflns_all                     ? 
_refine.pdbx_ls_cross_valid_method               THROUGHOUT 
_refine.pdbx_R_Free_selection_details            RANDOM 
_refine.details                                  'HYDROGENS HAVE BEEN ADDED IN THE RIDING POSITIONS' 
_refine.ls_R_factor_all                          ? 
_refine.ls_R_factor_obs                          0.2631 
_refine.ls_R_factor_R_work                       0.2616 
_refine.ls_wR_factor_R_work                      ? 
_refine.ls_R_factor_R_free                       0.2941 
_refine.ls_wR_factor_R_free                      ? 
_refine.ls_percent_reflns_R_free                 4.8000 
_refine.ls_number_reflns_R_free                  333 
_refine.ls_R_factor_R_free_error                 ? 
_refine.B_iso_mean                               63.926 
_refine.solvent_model_param_bsol                 ? 
_refine.solvent_model_param_ksol                 ? 
_refine.pdbx_isotropic_thermal_model             ? 
_refine.aniso_B[1][1]                            -0.0300 
_refine.aniso_B[2][2]                            -0.0300 
_refine.aniso_B[3][3]                            0.0500 
_refine.aniso_B[1][2]                            -0.0200 
_refine.aniso_B[1][3]                            0.0000 
_refine.aniso_B[2][3]                            0.0000 
_refine.correlation_coeff_Fo_to_Fc               0.9330 
_refine.correlation_coeff_Fo_to_Fc_free          0.9130 
_refine.overall_SU_R_Cruickshank_DPI             ? 
_refine.overall_SU_R_free                        ? 
_refine.pdbx_overall_ESU_R_Free                  0.1990 
_refine.overall_SU_ML                            0.1850 
_refine.overall_SU_B                             11.3050 
_refine.solvent_model_details                    MASK 
_refine.pdbx_solvent_vdw_probe_radii             1.2000 
_refine.pdbx_solvent_ion_probe_radii             0.8000 
_refine.pdbx_solvent_shrinkage_radii             0.8000 
_refine.ls_number_parameters                     ? 
_refine.ls_number_restraints                     ? 
_refine.pdbx_starting_model                      'PDB ENTRY 3NIS' 
_refine.pdbx_method_to_determine_struct          'MOLECULAR REPLACEMENT' 
_refine.pdbx_stereochemistry_target_values       'MAXIMUM LIKELIHOOD' 
_refine.pdbx_stereochem_target_val_spec_case     ? 
_refine.overall_FOM_work_R_set                   ? 
_refine.B_iso_max                                80.020 
_refine.B_iso_min                                36.430 
_refine.occupancy_max                            1.000 
_refine.occupancy_min                            1.000 
_refine.pdbx_ls_sigma_I                          ? 
_refine.ls_redundancy_reflns_obs                 ? 
_refine.ls_R_factor_R_free_error_details         ? 
_refine.pdbx_data_cutoff_high_rms_absF           ? 
_refine.overall_FOM_free_R_set                   ? 
_refine.pdbx_refine_id                           'X-RAY DIFFRACTION' 
_refine.pdbx_overall_phase_error                 ? 
_refine.pdbx_overall_ESU_R                       ? 
_refine.pdbx_diffrn_id                           1 
_refine.pdbx_TLS_residual_ADP_flag               ? 
_refine.pdbx_overall_SU_R_free_Cruickshank_DPI   ? 
_refine.pdbx_overall_SU_R_Blow_DPI               ? 
_refine.pdbx_overall_SU_R_free_Blow_DPI          ? 
# 
_refine_hist.pdbx_refine_id                   'X-RAY DIFFRACTION' 
_refine_hist.cycle_id                         LAST 
_refine_hist.pdbx_number_atoms_protein        641 
_refine_hist.pdbx_number_atoms_nucleic_acid   0 
_refine_hist.pdbx_number_atoms_ligand         3 
_refine_hist.number_atoms_solvent             19 
_refine_hist.number_atoms_total               663 
_refine_hist.d_res_high                       2.1000 
_refine_hist.d_res_low                        23.00 
# 
loop_
_refine_ls_restr.type 
_refine_ls_restr.number 
_refine_ls_restr.dev_ideal 
_refine_ls_restr.dev_ideal_target 
_refine_ls_restr.weight 
_refine_ls_restr.pdbx_refine_id 
_refine_ls_restr.pdbx_restraint_function 
r_bond_refined_d         657 0.007  0.021  ? 'X-RAY DIFFRACTION' ? 
r_angle_refined_deg      886 0.935  1.900  ? 'X-RAY DIFFRACTION' ? 
r_dihedral_angle_1_deg   80  5.148  5.000  ? 'X-RAY DIFFRACTION' ? 
r_dihedral_angle_2_deg   34  31.450 24.118 ? 'X-RAY DIFFRACTION' ? 
r_dihedral_angle_3_deg   106 14.916 15.000 ? 'X-RAY DIFFRACTION' ? 
r_dihedral_angle_4_deg   3   14.288 15.000 ? 'X-RAY DIFFRACTION' ? 
r_chiral_restr           93  0.079  0.200  ? 'X-RAY DIFFRACTION' ? 
r_gen_planes_refined     508 0.003  0.020  ? 'X-RAY DIFFRACTION' ? 
r_nbd_refined            260 0.177  0.200  ? 'X-RAY DIFFRACTION' ? 
r_nbtor_refined          419 0.290  0.200  ? 'X-RAY DIFFRACTION' ? 
r_xyhbond_nbd_refined    29  0.149  0.200  ? 'X-RAY DIFFRACTION' ? 
r_metal_ion_refined      1   0.032  0.200  ? 'X-RAY DIFFRACTION' ? 
r_symmetry_vdw_refined   14  0.390  0.200  ? 'X-RAY DIFFRACTION' ? 
r_symmetry_hbond_refined 2   0.013  0.200  ? 'X-RAY DIFFRACTION' ? 
r_mcbond_it              419 0.426  1.500  ? 'X-RAY DIFFRACTION' ? 
r_mcangle_it             652 0.749  2.000  ? 'X-RAY DIFFRACTION' ? 
r_scbond_it              265 0.800  3.000  ? 'X-RAY DIFFRACTION' ? 
r_scangle_it             234 1.251  4.500  ? 'X-RAY DIFFRACTION' ? 
# 
_refine_ls_shell.d_res_high                       2.1030 
_refine_ls_shell.d_res_low                        2.1570 
_refine_ls_shell.pdbx_total_number_of_bins_used   20 
_refine_ls_shell.percent_reflns_obs               99.2000 
_refine_ls_shell.number_reflns_R_work             467 
_refine_ls_shell.R_factor_all                     ? 
_refine_ls_shell.R_factor_R_work                  0.2960 
_refine_ls_shell.R_factor_R_free                  0.3110 
_refine_ls_shell.percent_reflns_R_free            ? 
_refine_ls_shell.number_reflns_R_free             28 
_refine_ls_shell.R_factor_R_free_error            ? 
_refine_ls_shell.number_reflns_all                495 
_refine_ls_shell.number_reflns_obs                ? 
_refine_ls_shell.pdbx_refine_id                   'X-RAY DIFFRACTION' 
_refine_ls_shell.redundancy_reflns_obs            ? 
# 
_struct.entry_id                  3NIJ 
_struct.title                     'The structure of UBR box (HIAA)' 
_struct.pdbx_model_details        ? 
_struct.pdbx_CASP_flag            ? 
_struct.pdbx_model_type_details   ? 
# 
_struct_keywords.entry_id        3NIJ 
_struct_keywords.text            'E3 ubiquitin ligase, UBR box, Zinc-binding protein, N-end rule, Ligase, metal binding protein' 
_struct_keywords.pdbx_keywords   'METAL BINDING PROTEIN' 
# 
loop_
_struct_asym.id 
_struct_asym.pdbx_blank_PDB_chainid_flag 
_struct_asym.pdbx_modified 
_struct_asym.entity_id 
_struct_asym.details 
A N N 1 ? 
B N N 2 ? 
C N N 3 ? 
D N N 3 ? 
E N N 3 ? 
F N N 4 ? 
# 
loop_
_struct_ref.id 
_struct_ref.db_name 
_struct_ref.db_code 
_struct_ref.pdbx_db_accession 
_struct_ref.entity_id 
_struct_ref.pdbx_seq_one_letter_code 
_struct_ref.pdbx_align_begin 
_struct_ref.pdbx_db_isoform 
1 UNP UBR1_YEAST P19812 1 
;VHKHTGRNCGRKFKIGEPLYRCHECGCDDTCVLCIHCFNPKDHVNHHVCTDICTEFTSGICDCGDEEAWNSPLHCKAEEQ

;
115 ? 
2 PDB 3NIJ       3NIJ   2 HIAA                                                                                1   ? 
# 
loop_
_struct_ref_seq.align_id 
_struct_ref_seq.ref_id 
_struct_ref_seq.pdbx_PDB_id_code 
_struct_ref_seq.pdbx_strand_id 
_struct_ref_seq.seq_align_beg 
_struct_ref_seq.pdbx_seq_align_beg_ins_code 
_struct_ref_seq.seq_align_end 
_struct_ref_seq.pdbx_seq_align_end_ins_code 
_struct_ref_seq.pdbx_db_accession 
_struct_ref_seq.db_align_beg 
_struct_ref_seq.pdbx_db_align_beg_ins_code 
_struct_ref_seq.db_align_end 
_struct_ref_seq.pdbx_db_align_end_ins_code 
_struct_ref_seq.pdbx_auth_seq_align_beg 
_struct_ref_seq.pdbx_auth_seq_align_end 
1 1 3NIJ A 3 ? 82 ? P19812 115 ? 194 ? 115 194 
2 2 3NIJ B 1 ? 4  ? 3NIJ   1   ? 4   ? 1   4   
# 
loop_
_struct_ref_seq_dif.align_id 
_struct_ref_seq_dif.pdbx_pdb_id_code 
_struct_ref_seq_dif.mon_id 
_struct_ref_seq_dif.pdbx_pdb_strand_id 
_struct_ref_seq_dif.seq_num 
_struct_ref_seq_dif.pdbx_pdb_ins_code 
_struct_ref_seq_dif.pdbx_seq_db_name 
_struct_ref_seq_dif.pdbx_seq_db_accession_code 
_struct_ref_seq_dif.db_mon_id 
_struct_ref_seq_dif.pdbx_seq_db_seq_num 
_struct_ref_seq_dif.details 
_struct_ref_seq_dif.pdbx_auth_seq_num 
_struct_ref_seq_dif.pdbx_ordinal 
1 3NIJ GLY A 1 ? UNP P19812 ? ? 'expression tag' 113 1 
1 3NIJ SER A 2 ? UNP P19812 ? ? 'expression tag' 114 2 
# 
_pdbx_struct_assembly.id                   1 
_pdbx_struct_assembly.details              author_and_software_defined_assembly 
_pdbx_struct_assembly.method_details       PISA 
_pdbx_struct_assembly.oligomeric_details   dimeric 
_pdbx_struct_assembly.oligomeric_count     2 
# 
loop_
_pdbx_struct_assembly_prop.biol_id 
_pdbx_struct_assembly_prop.type 
_pdbx_struct_assembly_prop.value 
_pdbx_struct_assembly_prop.details 
1 'ABSA (A^2)' 630  ? 
1 MORE         -3   ? 
1 'SSA (A^2)'  5140 ? 
# 
_pdbx_struct_assembly_gen.assembly_id       1 
_pdbx_struct_assembly_gen.oper_expression   1 
_pdbx_struct_assembly_gen.asym_id_list      A,B,C,D,E,F 
# 
_pdbx_struct_oper_list.id                   1 
_pdbx_struct_oper_list.type                 'identity operation' 
_pdbx_struct_oper_list.name                 1_555 
_pdbx_struct_oper_list.symmetry_operation   x,y,z 
_pdbx_struct_oper_list.matrix[1][1]         1.0000000000 
_pdbx_struct_oper_list.matrix[1][2]         0.0000000000 
_pdbx_struct_oper_list.matrix[1][3]         0.0000000000 
_pdbx_struct_oper_list.vector[1]            0.0000000000 
_pdbx_struct_oper_list.matrix[2][1]         0.0000000000 
_pdbx_struct_oper_list.matrix[2][2]         1.0000000000 
_pdbx_struct_oper_list.matrix[2][3]         0.0000000000 
_pdbx_struct_oper_list.vector[2]            0.0000000000 
_pdbx_struct_oper_list.matrix[3][1]         0.0000000000 
_pdbx_struct_oper_list.matrix[3][2]         0.0000000000 
_pdbx_struct_oper_list.matrix[3][3]         1.0000000000 
_pdbx_struct_oper_list.vector[3]            0.0000000000 
# 
_struct_biol.id        1 
_struct_biol.details   ? 
# 
loop_
_struct_conf.conf_type_id 
_struct_conf.id 
_struct_conf.pdbx_PDB_helix_id 
_struct_conf.beg_label_comp_id 
_struct_conf.beg_label_asym_id 
_struct_conf.beg_label_seq_id 
_struct_conf.pdbx_beg_PDB_ins_code 
_struct_conf.end_label_comp_id 
_struct_conf.end_label_asym_id 
_struct_conf.end_label_seq_id 
_struct_conf.pdbx_end_PDB_ins_code 
_struct_conf.beg_auth_comp_id 
_struct_conf.beg_auth_asym_id 
_struct_conf.beg_auth_seq_id 
_struct_conf.end_auth_comp_id 
_struct_conf.end_auth_asym_id 
_struct_conf.end_auth_seq_id 
_struct_conf.pdbx_PDB_helix_class 
_struct_conf.details 
_struct_conf.pdbx_PDB_helix_length 
HELX_P HELX_P1 1 ASN A 41 ? HIS A 45 ? ASN A 153 HIS A 157 5 ? 5 
HELX_P HELX_P2 2 ASP A 67 ? TRP A 71 ? ASP A 179 TRP A 183 5 ? 5 
HELX_P HELX_P3 3 CYS A 77 ? GLU A 81 ? CYS A 189 GLU A 193 5 ? 5 
# 
_struct_conf_type.id          HELX_P 
_struct_conf_type.criteria    ? 
_struct_conf_type.reference   ? 
# 
loop_
_struct_conn.id 
_struct_conn.conn_type_id 
_struct_conn.pdbx_leaving_atom_flag 
_struct_conn.pdbx_PDB_id 
_struct_conn.ptnr1_label_asym_id 
_struct_conn.ptnr1_label_comp_id 
_struct_conn.ptnr1_label_seq_id 
_struct_conn.ptnr1_label_atom_id 
_struct_conn.pdbx_ptnr1_label_alt_id 
_struct_conn.pdbx_ptnr1_PDB_ins_code 
_struct_conn.pdbx_ptnr1_standard_comp_id 
_struct_conn.ptnr1_symmetry 
_struct_conn.ptnr2_label_asym_id 
_struct_conn.ptnr2_label_comp_id 
_struct_conn.ptnr2_label_seq_id 
_struct_conn.ptnr2_label_atom_id 
_struct_conn.pdbx_ptnr2_label_alt_id 
_struct_conn.pdbx_ptnr2_PDB_ins_code 
_struct_conn.ptnr1_auth_asym_id 
_struct_conn.ptnr1_auth_comp_id 
_struct_conn.ptnr1_auth_seq_id 
_struct_conn.ptnr2_auth_asym_id 
_struct_conn.ptnr2_auth_comp_id 
_struct_conn.ptnr2_auth_seq_id 
_struct_conn.ptnr2_symmetry 
_struct_conn.pdbx_ptnr3_label_atom_id 
_struct_conn.pdbx_ptnr3_label_seq_id 
_struct_conn.pdbx_ptnr3_label_comp_id 
_struct_conn.pdbx_ptnr3_label_asym_id 
_struct_conn.pdbx_ptnr3_label_alt_id 
_struct_conn.pdbx_ptnr3_PDB_ins_code 
_struct_conn.details 
_struct_conn.pdbx_dist_value 
_struct_conn.pdbx_value_order 
_struct_conn.pdbx_role 
disulf1  disulf ? ? A CYS 51 SG ? ? ? 1_555 A CYS 51 SG  ? ? A CYS 163 A CYS 163 8_555 ? ? ? ? ? ? ? 2.513 ? ? 
metalc1  metalc ? ? C ZN  .  ZN ? ? ? 1_555 A CYS 11 SG  ? ? A ZN  1   A CYS 123 1_555 ? ? ? ? ? ? ? 2.447 ? ? 
metalc2  metalc ? ? C ZN  .  ZN ? ? ? 1_555 A CYS 36 SG  ? ? A ZN  1   A CYS 148 1_555 ? ? ? ? ? ? ? 2.407 ? ? 
metalc3  metalc ? ? C ZN  .  ZN ? ? ? 1_555 A CYS 39 SG  ? ? A ZN  1   A CYS 151 1_555 ? ? ? ? ? ? ? 2.082 ? ? 
metalc4  metalc ? ? C ZN  .  ZN ? ? ? 1_555 A CYS 63 SG  ? ? A ZN  1   A CYS 175 1_555 ? ? ? ? ? ? ? 2.298 ? ? 
metalc5  metalc ? ? D ZN  .  ZN ? ? ? 1_555 A HIS 6  NE2 ? ? A ZN  2   A HIS 118 1_555 ? ? ? ? ? ? ? 2.356 ? ? 
metalc6  metalc ? ? D ZN  .  ZN ? ? ? 1_555 A CYS 39 SG  ? ? A ZN  2   A CYS 151 1_555 ? ? ? ? ? ? ? 2.372 ? ? 
metalc7  metalc ? ? D ZN  .  ZN ? ? ? 1_555 A CYS 65 SG  ? ? A ZN  2   A CYS 177 1_555 ? ? ? ? ? ? ? 2.526 ? ? 
metalc8  metalc ? ? D ZN  .  ZN ? ? ? 1_555 A CYS 77 SG  ? ? A ZN  2   A CYS 189 1_555 ? ? ? ? ? ? ? 1.936 ? ? 
metalc9  metalc ? ? E ZN  .  ZN ? ? ? 1_555 A CYS 24 SG  ? ? A ZN  3   A CYS 136 1_555 ? ? ? ? ? ? ? 2.152 ? ? 
metalc10 metalc ? ? E ZN  .  ZN ? ? ? 1_555 A CYS 27 SG  ? ? A ZN  3   A CYS 139 1_555 ? ? ? ? ? ? ? 2.056 ? ? 
metalc11 metalc ? ? E ZN  .  ZN ? ? ? 1_555 A HIS 45 ND1 ? ? A ZN  3   A HIS 157 1_555 ? ? ? ? ? ? ? 2.028 ? ? 
metalc12 metalc ? ? E ZN  .  ZN ? ? ? 1_555 A HIS 48 ND1 ? ? A ZN  3   A HIS 160 1_555 ? ? ? ? ? ? ? 2.309 ? ? 
# 
loop_
_struct_conn_type.id 
_struct_conn_type.criteria 
_struct_conn_type.reference 
disulf ? ? 
metalc ? ? 
# 
loop_
_pdbx_struct_conn_angle.id 
_pdbx_struct_conn_angle.ptnr1_label_atom_id 
_pdbx_struct_conn_angle.ptnr1_label_alt_id 
_pdbx_struct_conn_angle.ptnr1_label_asym_id 
_pdbx_struct_conn_angle.ptnr1_label_comp_id 
_pdbx_struct_conn_angle.ptnr1_label_seq_id 
_pdbx_struct_conn_angle.ptnr1_auth_atom_id 
_pdbx_struct_conn_angle.ptnr1_auth_asym_id 
_pdbx_struct_conn_angle.ptnr1_auth_comp_id 
_pdbx_struct_conn_angle.ptnr1_auth_seq_id 
_pdbx_struct_conn_angle.ptnr1_PDB_ins_code 
_pdbx_struct_conn_angle.ptnr1_symmetry 
_pdbx_struct_conn_angle.ptnr2_label_atom_id 
_pdbx_struct_conn_angle.ptnr2_label_alt_id 
_pdbx_struct_conn_angle.ptnr2_label_asym_id 
_pdbx_struct_conn_angle.ptnr2_label_comp_id 
_pdbx_struct_conn_angle.ptnr2_label_seq_id 
_pdbx_struct_conn_angle.ptnr2_auth_atom_id 
_pdbx_struct_conn_angle.ptnr2_auth_asym_id 
_pdbx_struct_conn_angle.ptnr2_auth_comp_id 
_pdbx_struct_conn_angle.ptnr2_auth_seq_id 
_pdbx_struct_conn_angle.ptnr2_PDB_ins_code 
_pdbx_struct_conn_angle.ptnr2_symmetry 
_pdbx_struct_conn_angle.ptnr3_label_atom_id 
_pdbx_struct_conn_angle.ptnr3_label_alt_id 
_pdbx_struct_conn_angle.ptnr3_label_asym_id 
_pdbx_struct_conn_angle.ptnr3_label_comp_id 
_pdbx_struct_conn_angle.ptnr3_label_seq_id 
_pdbx_struct_conn_angle.ptnr3_auth_atom_id 
_pdbx_struct_conn_angle.ptnr3_auth_asym_id 
_pdbx_struct_conn_angle.ptnr3_auth_comp_id 
_pdbx_struct_conn_angle.ptnr3_auth_seq_id 
_pdbx_struct_conn_angle.ptnr3_PDB_ins_code 
_pdbx_struct_conn_angle.ptnr3_symmetry 
_pdbx_struct_conn_angle.value 
_pdbx_struct_conn_angle.value_esd 
1  SG  ? A CYS 11 ? A CYS 123 ? 1_555 ZN ? C ZN . ? A ZN 1 ? 1_555 SG  ? A CYS 36 ? A CYS 148 ? 1_555 122.3 ? 
2  SG  ? A CYS 11 ? A CYS 123 ? 1_555 ZN ? C ZN . ? A ZN 1 ? 1_555 SG  ? A CYS 39 ? A CYS 151 ? 1_555 99.7  ? 
3  SG  ? A CYS 36 ? A CYS 148 ? 1_555 ZN ? C ZN . ? A ZN 1 ? 1_555 SG  ? A CYS 39 ? A CYS 151 ? 1_555 96.8  ? 
4  SG  ? A CYS 11 ? A CYS 123 ? 1_555 ZN ? C ZN . ? A ZN 1 ? 1_555 SG  ? A CYS 63 ? A CYS 175 ? 1_555 107.3 ? 
5  SG  ? A CYS 36 ? A CYS 148 ? 1_555 ZN ? C ZN . ? A ZN 1 ? 1_555 SG  ? A CYS 63 ? A CYS 175 ? 1_555 114.7 ? 
6  SG  ? A CYS 39 ? A CYS 151 ? 1_555 ZN ? C ZN . ? A ZN 1 ? 1_555 SG  ? A CYS 63 ? A CYS 175 ? 1_555 114.7 ? 
7  NE2 ? A HIS 6  ? A HIS 118 ? 1_555 ZN ? D ZN . ? A ZN 2 ? 1_555 SG  ? A CYS 39 ? A CYS 151 ? 1_555 110.1 ? 
8  NE2 ? A HIS 6  ? A HIS 118 ? 1_555 ZN ? D ZN . ? A ZN 2 ? 1_555 SG  ? A CYS 65 ? A CYS 177 ? 1_555 98.2  ? 
9  SG  ? A CYS 39 ? A CYS 151 ? 1_555 ZN ? D ZN . ? A ZN 2 ? 1_555 SG  ? A CYS 65 ? A CYS 177 ? 1_555 113.4 ? 
10 NE2 ? A HIS 6  ? A HIS 118 ? 1_555 ZN ? D ZN . ? A ZN 2 ? 1_555 SG  ? A CYS 77 ? A CYS 189 ? 1_555 101.7 ? 
11 SG  ? A CYS 39 ? A CYS 151 ? 1_555 ZN ? D ZN . ? A ZN 2 ? 1_555 SG  ? A CYS 77 ? A CYS 189 ? 1_555 124.5 ? 
12 SG  ? A CYS 65 ? A CYS 177 ? 1_555 ZN ? D ZN . ? A ZN 2 ? 1_555 SG  ? A CYS 77 ? A CYS 189 ? 1_555 105.4 ? 
13 SG  ? A CYS 24 ? A CYS 136 ? 1_555 ZN ? E ZN . ? A ZN 3 ? 1_555 SG  ? A CYS 27 ? A CYS 139 ? 1_555 111.4 ? 
14 SG  ? A CYS 24 ? A CYS 136 ? 1_555 ZN ? E ZN . ? A ZN 3 ? 1_555 ND1 ? A HIS 45 ? A HIS 157 ? 1_555 117.6 ? 
15 SG  ? A CYS 27 ? A CYS 139 ? 1_555 ZN ? E ZN . ? A ZN 3 ? 1_555 ND1 ? A HIS 45 ? A HIS 157 ? 1_555 104.1 ? 
16 SG  ? A CYS 24 ? A CYS 136 ? 1_555 ZN ? E ZN . ? A ZN 3 ? 1_555 ND1 ? A HIS 48 ? A HIS 160 ? 1_555 108.3 ? 
17 SG  ? A CYS 27 ? A CYS 139 ? 1_555 ZN ? E ZN . ? A ZN 3 ? 1_555 ND1 ? A HIS 48 ? A HIS 160 ? 1_555 97.0  ? 
18 ND1 ? A HIS 45 ? A HIS 157 ? 1_555 ZN ? E ZN . ? A ZN 3 ? 1_555 ND1 ? A HIS 48 ? A HIS 160 ? 1_555 116.3 ? 
# 
_pdbx_modification_feature.ordinal                            1 
_pdbx_modification_feature.label_comp_id                      CYS 
_pdbx_modification_feature.label_asym_id                      A 
_pdbx_modification_feature.label_seq_id                       51 
_pdbx_modification_feature.label_alt_id                       ? 
_pdbx_modification_feature.modified_residue_label_comp_id     CYS 
_pdbx_modification_feature.modified_residue_label_asym_id     A 
_pdbx_modification_feature.modified_residue_label_seq_id      51 
_pdbx_modification_feature.modified_residue_label_alt_id      ? 
_pdbx_modification_feature.auth_comp_id                       CYS 
_pdbx_modification_feature.auth_asym_id                       A 
_pdbx_modification_feature.auth_seq_id                        163 
_pdbx_modification_feature.PDB_ins_code                       ? 
_pdbx_modification_feature.symmetry                           1_555 
_pdbx_modification_feature.modified_residue_auth_comp_id      CYS 
_pdbx_modification_feature.modified_residue_auth_asym_id      A 
_pdbx_modification_feature.modified_residue_auth_seq_id       163 
_pdbx_modification_feature.modified_residue_PDB_ins_code      ? 
_pdbx_modification_feature.modified_residue_symmetry          8_555 
_pdbx_modification_feature.comp_id_linking_atom               SG 
_pdbx_modification_feature.modified_residue_id_linking_atom   SG 
_pdbx_modification_feature.modified_residue_id                . 
_pdbx_modification_feature.ref_pcm_id                         . 
_pdbx_modification_feature.ref_comp_id                        . 
_pdbx_modification_feature.type                               None 
_pdbx_modification_feature.category                           'Disulfide bridge' 
# 
_struct_sheet.id               A 
_struct_sheet.type             ? 
_struct_sheet.number_strands   2 
_struct_sheet.details          ? 
# 
_struct_sheet_order.sheet_id     A 
_struct_sheet_order.range_id_1   1 
_struct_sheet_order.range_id_2   2 
_struct_sheet_order.offset       ? 
_struct_sheet_order.sense        anti-parallel 
# 
loop_
_struct_sheet_range.sheet_id 
_struct_sheet_range.id 
_struct_sheet_range.beg_label_comp_id 
_struct_sheet_range.beg_label_asym_id 
_struct_sheet_range.beg_label_seq_id 
_struct_sheet_range.pdbx_beg_PDB_ins_code 
_struct_sheet_range.end_label_comp_id 
_struct_sheet_range.end_label_asym_id 
_struct_sheet_range.end_label_seq_id 
_struct_sheet_range.pdbx_end_PDB_ins_code 
_struct_sheet_range.beg_auth_comp_id 
_struct_sheet_range.beg_auth_asym_id 
_struct_sheet_range.beg_auth_seq_id 
_struct_sheet_range.end_auth_comp_id 
_struct_sheet_range.end_auth_asym_id 
_struct_sheet_range.end_auth_seq_id 
A 1 PRO A 20 ? CYS A 24 ? PRO A 132 CYS A 136 
A 2 VAL A 50 ? ILE A 54 ? VAL A 162 ILE A 166 
# 
_pdbx_struct_sheet_hbond.sheet_id                A 
_pdbx_struct_sheet_hbond.range_id_1              1 
_pdbx_struct_sheet_hbond.range_id_2              2 
_pdbx_struct_sheet_hbond.range_1_label_atom_id   N 
_pdbx_struct_sheet_hbond.range_1_label_comp_id   ARG 
_pdbx_struct_sheet_hbond.range_1_label_asym_id   A 
_pdbx_struct_sheet_hbond.range_1_label_seq_id    23 
_pdbx_struct_sheet_hbond.range_1_PDB_ins_code    ? 
_pdbx_struct_sheet_hbond.range_1_auth_atom_id    N 
_pdbx_struct_sheet_hbond.range_1_auth_comp_id    ARG 
_pdbx_struct_sheet_hbond.range_1_auth_asym_id    A 
_pdbx_struct_sheet_hbond.range_1_auth_seq_id     135 
_pdbx_struct_sheet_hbond.range_2_label_atom_id   O 
_pdbx_struct_sheet_hbond.range_2_label_comp_id   CYS 
_pdbx_struct_sheet_hbond.range_2_label_asym_id   A 
_pdbx_struct_sheet_hbond.range_2_label_seq_id    51 
_pdbx_struct_sheet_hbond.range_2_PDB_ins_code    ? 
_pdbx_struct_sheet_hbond.range_2_auth_atom_id    O 
_pdbx_struct_sheet_hbond.range_2_auth_comp_id    CYS 
_pdbx_struct_sheet_hbond.range_2_auth_asym_id    A 
_pdbx_struct_sheet_hbond.range_2_auth_seq_id     163 
# 
loop_
_struct_site.id 
_struct_site.pdbx_evidence_code 
_struct_site.pdbx_auth_asym_id 
_struct_site.pdbx_auth_comp_id 
_struct_site.pdbx_auth_seq_id 
_struct_site.pdbx_auth_ins_code 
_struct_site.pdbx_num_residues 
_struct_site.details 
AC1 Software A ZN 1 ? 4 'BINDING SITE FOR RESIDUE ZN A 1' 
AC2 Software A ZN 2 ? 4 'BINDING SITE FOR RESIDUE ZN A 2' 
AC3 Software A ZN 3 ? 4 'BINDING SITE FOR RESIDUE ZN A 3' 
# 
loop_
_struct_site_gen.id 
_struct_site_gen.site_id 
_struct_site_gen.pdbx_num_res 
_struct_site_gen.label_comp_id 
_struct_site_gen.label_asym_id 
_struct_site_gen.label_seq_id 
_struct_site_gen.pdbx_auth_ins_code 
_struct_site_gen.auth_comp_id 
_struct_site_gen.auth_asym_id 
_struct_site_gen.auth_seq_id 
_struct_site_gen.label_atom_id 
_struct_site_gen.label_alt_id 
_struct_site_gen.symmetry 
_struct_site_gen.details 
1  AC1 4 CYS A 11 ? CYS A 123 . ? 1_555 ? 
2  AC1 4 CYS A 36 ? CYS A 148 . ? 1_555 ? 
3  AC1 4 CYS A 39 ? CYS A 151 . ? 1_555 ? 
4  AC1 4 CYS A 63 ? CYS A 175 . ? 1_555 ? 
5  AC2 4 HIS A 6  ? HIS A 118 . ? 1_555 ? 
6  AC2 4 CYS A 39 ? CYS A 151 . ? 1_555 ? 
7  AC2 4 CYS A 65 ? CYS A 177 . ? 1_555 ? 
8  AC2 4 CYS A 77 ? CYS A 189 . ? 1_555 ? 
9  AC3 4 CYS A 24 ? CYS A 136 . ? 1_555 ? 
10 AC3 4 CYS A 27 ? CYS A 139 . ? 1_555 ? 
11 AC3 4 HIS A 45 ? HIS A 157 . ? 1_555 ? 
12 AC3 4 HIS A 48 ? HIS A 160 . ? 1_555 ? 
# 
_pdbx_entry_details.entry_id                   3NIJ 
_pdbx_entry_details.compound_details           ? 
_pdbx_entry_details.source_details             ? 
_pdbx_entry_details.nonpolymer_details         ? 
_pdbx_entry_details.sequence_details           ? 
_pdbx_entry_details.has_ligand_of_interest     ? 
_pdbx_entry_details.has_protein_modification   Y 
# 
loop_
_pdbx_validate_torsion.id 
_pdbx_validate_torsion.PDB_model_num 
_pdbx_validate_torsion.auth_comp_id 
_pdbx_validate_torsion.auth_asym_id 
_pdbx_validate_torsion.auth_seq_id 
_pdbx_validate_torsion.PDB_ins_code 
_pdbx_validate_torsion.label_alt_id 
_pdbx_validate_torsion.phi 
_pdbx_validate_torsion.psi 
1 1 HIS A 118 ? ? -148.71 44.83  
2 1 THR A 119 ? ? -39.59  128.25 
3 1 ASN A 159 ? ? 58.28   12.75  
# 
_pdbx_refine_tls.pdbx_refine_id   'X-RAY DIFFRACTION' 
_pdbx_refine_tls.id               1 
_pdbx_refine_tls.details          ? 
_pdbx_refine_tls.method           refined 
_pdbx_refine_tls.origin_x         -0.3172 
_pdbx_refine_tls.origin_y         -0.3279 
_pdbx_refine_tls.origin_z         -0.3902 
_pdbx_refine_tls.T[1][1]          -0.1083 
_pdbx_refine_tls.T[2][2]          -0.2271 
_pdbx_refine_tls.T[3][3]          0.0953 
_pdbx_refine_tls.T[1][2]          0.0116 
_pdbx_refine_tls.T[1][3]          -0.0092 
_pdbx_refine_tls.T[2][3]          -0.0405 
_pdbx_refine_tls.L[1][1]          6.6232 
_pdbx_refine_tls.L[2][2]          15.4535 
_pdbx_refine_tls.L[3][3]          7.2520 
_pdbx_refine_tls.L[1][2]          -0.1512 
_pdbx_refine_tls.L[1][3]          -3.6376 
_pdbx_refine_tls.L[2][3]          -2.9560 
_pdbx_refine_tls.S[1][1]          0.3857 
_pdbx_refine_tls.S[2][2]          -0.0067 
_pdbx_refine_tls.S[3][3]          -0.3789 
_pdbx_refine_tls.S[1][2]          -0.6125 
_pdbx_refine_tls.S[1][3]          0.5552 
_pdbx_refine_tls.S[2][3]          0.8543 
_pdbx_refine_tls.S[2][1]          -0.8503 
_pdbx_refine_tls.S[3][1]          0.1085 
_pdbx_refine_tls.S[3][2]          0.4533 
# 
_pdbx_refine_tls_group.pdbx_refine_id      'X-RAY DIFFRACTION' 
_pdbx_refine_tls_group.id                  1 
_pdbx_refine_tls_group.refine_tls_id       1 
_pdbx_refine_tls_group.beg_auth_asym_id    A 
_pdbx_refine_tls_group.beg_auth_seq_id     115 
_pdbx_refine_tls_group.end_auth_asym_id    A 
_pdbx_refine_tls_group.end_auth_seq_id     193 
_pdbx_refine_tls_group.selection_details   ? 
_pdbx_refine_tls_group.beg_label_asym_id   . 
_pdbx_refine_tls_group.beg_label_seq_id    . 
_pdbx_refine_tls_group.end_label_asym_id   . 
_pdbx_refine_tls_group.end_label_seq_id    . 
_pdbx_refine_tls_group.selection           ? 
# 
loop_
_pdbx_unobs_or_zero_occ_residues.id 
_pdbx_unobs_or_zero_occ_residues.PDB_model_num 
_pdbx_unobs_or_zero_occ_residues.polymer_flag 
_pdbx_unobs_or_zero_occ_residues.occupancy_flag 
_pdbx_unobs_or_zero_occ_residues.auth_asym_id 
_pdbx_unobs_or_zero_occ_residues.auth_comp_id 
_pdbx_unobs_or_zero_occ_residues.auth_seq_id 
_pdbx_unobs_or_zero_occ_residues.PDB_ins_code 
_pdbx_unobs_or_zero_occ_residues.label_asym_id 
_pdbx_unobs_or_zero_occ_residues.label_comp_id 
_pdbx_unobs_or_zero_occ_residues.label_seq_id 
1 1 Y 1 A GLY 113 ? A GLY 1  
2 1 Y 1 A SER 114 ? A SER 2  
3 1 Y 1 A GLN 194 ? A GLN 82 
4 1 Y 1 B ALA 4   ? B ALA 4  
# 
loop_
_chem_comp_atom.comp_id 
_chem_comp_atom.atom_id 
_chem_comp_atom.type_symbol 
_chem_comp_atom.pdbx_aromatic_flag 
_chem_comp_atom.pdbx_stereo_config 
_chem_comp_atom.pdbx_ordinal 
ALA N    N  N N 1   
ALA CA   C  N S 2   
ALA C    C  N N 3   
ALA O    O  N N 4   
ALA CB   C  N N 5   
ALA OXT  O  N N 6   
ALA H    H  N N 7   
ALA H2   H  N N 8   
ALA HA   H  N N 9   
ALA HB1  H  N N 10  
ALA HB2  H  N N 11  
ALA HB3  H  N N 12  
ALA HXT  H  N N 13  
ARG N    N  N N 14  
ARG CA   C  N S 15  
ARG C    C  N N 16  
ARG O    O  N N 17  
ARG CB   C  N N 18  
ARG CG   C  N N 19  
ARG CD   C  N N 20  
ARG NE   N  N N 21  
ARG CZ   C  N N 22  
ARG NH1  N  N N 23  
ARG NH2  N  N N 24  
ARG OXT  O  N N 25  
ARG H    H  N N 26  
ARG H2   H  N N 27  
ARG HA   H  N N 28  
ARG HB2  H  N N 29  
ARG HB3  H  N N 30  
ARG HG2  H  N N 31  
ARG HG3  H  N N 32  
ARG HD2  H  N N 33  
ARG HD3  H  N N 34  
ARG HE   H  N N 35  
ARG HH11 H  N N 36  
ARG HH12 H  N N 37  
ARG HH21 H  N N 38  
ARG HH22 H  N N 39  
ARG HXT  H  N N 40  
ASN N    N  N N 41  
ASN CA   C  N S 42  
ASN C    C  N N 43  
ASN O    O  N N 44  
ASN CB   C  N N 45  
ASN CG   C  N N 46  
ASN OD1  O  N N 47  
ASN ND2  N  N N 48  
ASN OXT  O  N N 49  
ASN H    H  N N 50  
ASN H2   H  N N 51  
ASN HA   H  N N 52  
ASN HB2  H  N N 53  
ASN HB3  H  N N 54  
ASN HD21 H  N N 55  
ASN HD22 H  N N 56  
ASN HXT  H  N N 57  
ASP N    N  N N 58  
ASP CA   C  N S 59  
ASP C    C  N N 60  
ASP O    O  N N 61  
ASP CB   C  N N 62  
ASP CG   C  N N 63  
ASP OD1  O  N N 64  
ASP OD2  O  N N 65  
ASP OXT  O  N N 66  
ASP H    H  N N 67  
ASP H2   H  N N 68  
ASP HA   H  N N 69  
ASP HB2  H  N N 70  
ASP HB3  H  N N 71  
ASP HD2  H  N N 72  
ASP HXT  H  N N 73  
CYS N    N  N N 74  
CYS CA   C  N R 75  
CYS C    C  N N 76  
CYS O    O  N N 77  
CYS CB   C  N N 78  
CYS SG   S  N N 79  
CYS OXT  O  N N 80  
CYS H    H  N N 81  
CYS H2   H  N N 82  
CYS HA   H  N N 83  
CYS HB2  H  N N 84  
CYS HB3  H  N N 85  
CYS HG   H  N N 86  
CYS HXT  H  N N 87  
GLN N    N  N N 88  
GLN CA   C  N S 89  
GLN C    C  N N 90  
GLN O    O  N N 91  
GLN CB   C  N N 92  
GLN CG   C  N N 93  
GLN CD   C  N N 94  
GLN OE1  O  N N 95  
GLN NE2  N  N N 96  
GLN OXT  O  N N 97  
GLN H    H  N N 98  
GLN H2   H  N N 99  
GLN HA   H  N N 100 
GLN HB2  H  N N 101 
GLN HB3  H  N N 102 
GLN HG2  H  N N 103 
GLN HG3  H  N N 104 
GLN HE21 H  N N 105 
GLN HE22 H  N N 106 
GLN HXT  H  N N 107 
GLU N    N  N N 108 
GLU CA   C  N S 109 
GLU C    C  N N 110 
GLU O    O  N N 111 
GLU CB   C  N N 112 
GLU CG   C  N N 113 
GLU CD   C  N N 114 
GLU OE1  O  N N 115 
GLU OE2  O  N N 116 
GLU OXT  O  N N 117 
GLU H    H  N N 118 
GLU H2   H  N N 119 
GLU HA   H  N N 120 
GLU HB2  H  N N 121 
GLU HB3  H  N N 122 
GLU HG2  H  N N 123 
GLU HG3  H  N N 124 
GLU HE2  H  N N 125 
GLU HXT  H  N N 126 
GLY N    N  N N 127 
GLY CA   C  N N 128 
GLY C    C  N N 129 
GLY O    O  N N 130 
GLY OXT  O  N N 131 
GLY H    H  N N 132 
GLY H2   H  N N 133 
GLY HA2  H  N N 134 
GLY HA3  H  N N 135 
GLY HXT  H  N N 136 
HIS N    N  N N 137 
HIS CA   C  N S 138 
HIS C    C  N N 139 
HIS O    O  N N 140 
HIS CB   C  N N 141 
HIS CG   C  Y N 142 
HIS ND1  N  Y N 143 
HIS CD2  C  Y N 144 
HIS CE1  C  Y N 145 
HIS NE2  N  Y N 146 
HIS OXT  O  N N 147 
HIS H    H  N N 148 
HIS H2   H  N N 149 
HIS HA   H  N N 150 
HIS HB2  H  N N 151 
HIS HB3  H  N N 152 
HIS HD1  H  N N 153 
HIS HD2  H  N N 154 
HIS HE1  H  N N 155 
HIS HE2  H  N N 156 
HIS HXT  H  N N 157 
HOH O    O  N N 158 
HOH H1   H  N N 159 
HOH H2   H  N N 160 
ILE N    N  N N 161 
ILE CA   C  N S 162 
ILE C    C  N N 163 
ILE O    O  N N 164 
ILE CB   C  N S 165 
ILE CG1  C  N N 166 
ILE CG2  C  N N 167 
ILE CD1  C  N N 168 
ILE OXT  O  N N 169 
ILE H    H  N N 170 
ILE H2   H  N N 171 
ILE HA   H  N N 172 
ILE HB   H  N N 173 
ILE HG12 H  N N 174 
ILE HG13 H  N N 175 
ILE HG21 H  N N 176 
ILE HG22 H  N N 177 
ILE HG23 H  N N 178 
ILE HD11 H  N N 179 
ILE HD12 H  N N 180 
ILE HD13 H  N N 181 
ILE HXT  H  N N 182 
LEU N    N  N N 183 
LEU CA   C  N S 184 
LEU C    C  N N 185 
LEU O    O  N N 186 
LEU CB   C  N N 187 
LEU CG   C  N N 188 
LEU CD1  C  N N 189 
LEU CD2  C  N N 190 
LEU OXT  O  N N 191 
LEU H    H  N N 192 
LEU H2   H  N N 193 
LEU HA   H  N N 194 
LEU HB2  H  N N 195 
LEU HB3  H  N N 196 
LEU HG   H  N N 197 
LEU HD11 H  N N 198 
LEU HD12 H  N N 199 
LEU HD13 H  N N 200 
LEU HD21 H  N N 201 
LEU HD22 H  N N 202 
LEU HD23 H  N N 203 
LEU HXT  H  N N 204 
LYS N    N  N N 205 
LYS CA   C  N S 206 
LYS C    C  N N 207 
LYS O    O  N N 208 
LYS CB   C  N N 209 
LYS CG   C  N N 210 
LYS CD   C  N N 211 
LYS CE   C  N N 212 
LYS NZ   N  N N 213 
LYS OXT  O  N N 214 
LYS H    H  N N 215 
LYS H2   H  N N 216 
LYS HA   H  N N 217 
LYS HB2  H  N N 218 
LYS HB3  H  N N 219 
LYS HG2  H  N N 220 
LYS HG3  H  N N 221 
LYS HD2  H  N N 222 
LYS HD3  H  N N 223 
LYS HE2  H  N N 224 
LYS HE3  H  N N 225 
LYS HZ1  H  N N 226 
LYS HZ2  H  N N 227 
LYS HZ3  H  N N 228 
LYS HXT  H  N N 229 
PHE N    N  N N 230 
PHE CA   C  N S 231 
PHE C    C  N N 232 
PHE O    O  N N 233 
PHE CB   C  N N 234 
PHE CG   C  Y N 235 
PHE CD1  C  Y N 236 
PHE CD2  C  Y N 237 
PHE CE1  C  Y N 238 
PHE CE2  C  Y N 239 
PHE CZ   C  Y N 240 
PHE OXT  O  N N 241 
PHE H    H  N N 242 
PHE H2   H  N N 243 
PHE HA   H  N N 244 
PHE HB2  H  N N 245 
PHE HB3  H  N N 246 
PHE HD1  H  N N 247 
PHE HD2  H  N N 248 
PHE HE1  H  N N 249 
PHE HE2  H  N N 250 
PHE HZ   H  N N 251 
PHE HXT  H  N N 252 
PRO N    N  N N 253 
PRO CA   C  N S 254 
PRO C    C  N N 255 
PRO O    O  N N 256 
PRO CB   C  N N 257 
PRO CG   C  N N 258 
PRO CD   C  N N 259 
PRO OXT  O  N N 260 
PRO H    H  N N 261 
PRO HA   H  N N 262 
PRO HB2  H  N N 263 
PRO HB3  H  N N 264 
PRO HG2  H  N N 265 
PRO HG3  H  N N 266 
PRO HD2  H  N N 267 
PRO HD3  H  N N 268 
PRO HXT  H  N N 269 
SER N    N  N N 270 
SER CA   C  N S 271 
SER C    C  N N 272 
SER O    O  N N 273 
SER CB   C  N N 274 
SER OG   O  N N 275 
SER OXT  O  N N 276 
SER H    H  N N 277 
SER H2   H  N N 278 
SER HA   H  N N 279 
SER HB2  H  N N 280 
SER HB3  H  N N 281 
SER HG   H  N N 282 
SER HXT  H  N N 283 
THR N    N  N N 284 
THR CA   C  N S 285 
THR C    C  N N 286 
THR O    O  N N 287 
THR CB   C  N R 288 
THR OG1  O  N N 289 
THR CG2  C  N N 290 
THR OXT  O  N N 291 
THR H    H  N N 292 
THR H2   H  N N 293 
THR HA   H  N N 294 
THR HB   H  N N 295 
THR HG1  H  N N 296 
THR HG21 H  N N 297 
THR HG22 H  N N 298 
THR HG23 H  N N 299 
THR HXT  H  N N 300 
TRP N    N  N N 301 
TRP CA   C  N S 302 
TRP C    C  N N 303 
TRP O    O  N N 304 
TRP CB   C  N N 305 
TRP CG   C  Y N 306 
TRP CD1  C  Y N 307 
TRP CD2  C  Y N 308 
TRP NE1  N  Y N 309 
TRP CE2  C  Y N 310 
TRP CE3  C  Y N 311 
TRP CZ2  C  Y N 312 
TRP CZ3  C  Y N 313 
TRP CH2  C  Y N 314 
TRP OXT  O  N N 315 
TRP H    H  N N 316 
TRP H2   H  N N 317 
TRP HA   H  N N 318 
TRP HB2  H  N N 319 
TRP HB3  H  N N 320 
TRP HD1  H  N N 321 
TRP HE1  H  N N 322 
TRP HE3  H  N N 323 
TRP HZ2  H  N N 324 
TRP HZ3  H  N N 325 
TRP HH2  H  N N 326 
TRP HXT  H  N N 327 
TYR N    N  N N 328 
TYR CA   C  N S 329 
TYR C    C  N N 330 
TYR O    O  N N 331 
TYR CB   C  N N 332 
TYR CG   C  Y N 333 
TYR CD1  C  Y N 334 
TYR CD2  C  Y N 335 
TYR CE1  C  Y N 336 
TYR CE2  C  Y N 337 
TYR CZ   C  Y N 338 
TYR OH   O  N N 339 
TYR OXT  O  N N 340 
TYR H    H  N N 341 
TYR H2   H  N N 342 
TYR HA   H  N N 343 
TYR HB2  H  N N 344 
TYR HB3  H  N N 345 
TYR HD1  H  N N 346 
TYR HD2  H  N N 347 
TYR HE1  H  N N 348 
TYR HE2  H  N N 349 
TYR HH   H  N N 350 
TYR HXT  H  N N 351 
VAL N    N  N N 352 
VAL CA   C  N S 353 
VAL C    C  N N 354 
VAL O    O  N N 355 
VAL CB   C  N N 356 
VAL CG1  C  N N 357 
VAL CG2  C  N N 358 
VAL OXT  O  N N 359 
VAL H    H  N N 360 
VAL H2   H  N N 361 
VAL HA   H  N N 362 
VAL HB   H  N N 363 
VAL HG11 H  N N 364 
VAL HG12 H  N N 365 
VAL HG13 H  N N 366 
VAL HG21 H  N N 367 
VAL HG22 H  N N 368 
VAL HG23 H  N N 369 
VAL HXT  H  N N 370 
ZN  ZN   ZN N N 371 
# 
loop_
_chem_comp_bond.comp_id 
_chem_comp_bond.atom_id_1 
_chem_comp_bond.atom_id_2 
_chem_comp_bond.value_order 
_chem_comp_bond.pdbx_aromatic_flag 
_chem_comp_bond.pdbx_stereo_config 
_chem_comp_bond.pdbx_ordinal 
ALA N   CA   sing N N 1   
ALA N   H    sing N N 2   
ALA N   H2   sing N N 3   
ALA CA  C    sing N N 4   
ALA CA  CB   sing N N 5   
ALA CA  HA   sing N N 6   
ALA C   O    doub N N 7   
ALA C   OXT  sing N N 8   
ALA CB  HB1  sing N N 9   
ALA CB  HB2  sing N N 10  
ALA CB  HB3  sing N N 11  
ALA OXT HXT  sing N N 12  
ARG N   CA   sing N N 13  
ARG N   H    sing N N 14  
ARG N   H2   sing N N 15  
ARG CA  C    sing N N 16  
ARG CA  CB   sing N N 17  
ARG CA  HA   sing N N 18  
ARG C   O    doub N N 19  
ARG C   OXT  sing N N 20  
ARG CB  CG   sing N N 21  
ARG CB  HB2  sing N N 22  
ARG CB  HB3  sing N N 23  
ARG CG  CD   sing N N 24  
ARG CG  HG2  sing N N 25  
ARG CG  HG3  sing N N 26  
ARG CD  NE   sing N N 27  
ARG CD  HD2  sing N N 28  
ARG CD  HD3  sing N N 29  
ARG NE  CZ   sing N N 30  
ARG NE  HE   sing N N 31  
ARG CZ  NH1  sing N N 32  
ARG CZ  NH2  doub N N 33  
ARG NH1 HH11 sing N N 34  
ARG NH1 HH12 sing N N 35  
ARG NH2 HH21 sing N N 36  
ARG NH2 HH22 sing N N 37  
ARG OXT HXT  sing N N 38  
ASN N   CA   sing N N 39  
ASN N   H    sing N N 40  
ASN N   H2   sing N N 41  
ASN CA  C    sing N N 42  
ASN CA  CB   sing N N 43  
ASN CA  HA   sing N N 44  
ASN C   O    doub N N 45  
ASN C   OXT  sing N N 46  
ASN CB  CG   sing N N 47  
ASN CB  HB2  sing N N 48  
ASN CB  HB3  sing N N 49  
ASN CG  OD1  doub N N 50  
ASN CG  ND2  sing N N 51  
ASN ND2 HD21 sing N N 52  
ASN ND2 HD22 sing N N 53  
ASN OXT HXT  sing N N 54  
ASP N   CA   sing N N 55  
ASP N   H    sing N N 56  
ASP N   H2   sing N N 57  
ASP CA  C    sing N N 58  
ASP CA  CB   sing N N 59  
ASP CA  HA   sing N N 60  
ASP C   O    doub N N 61  
ASP C   OXT  sing N N 62  
ASP CB  CG   sing N N 63  
ASP CB  HB2  sing N N 64  
ASP CB  HB3  sing N N 65  
ASP CG  OD1  doub N N 66  
ASP CG  OD2  sing N N 67  
ASP OD2 HD2  sing N N 68  
ASP OXT HXT  sing N N 69  
CYS N   CA   sing N N 70  
CYS N   H    sing N N 71  
CYS N   H2   sing N N 72  
CYS CA  C    sing N N 73  
CYS CA  CB   sing N N 74  
CYS CA  HA   sing N N 75  
CYS C   O    doub N N 76  
CYS C   OXT  sing N N 77  
CYS CB  SG   sing N N 78  
CYS CB  HB2  sing N N 79  
CYS CB  HB3  sing N N 80  
CYS SG  HG   sing N N 81  
CYS OXT HXT  sing N N 82  
GLN N   CA   sing N N 83  
GLN N   H    sing N N 84  
GLN N   H2   sing N N 85  
GLN CA  C    sing N N 86  
GLN CA  CB   sing N N 87  
GLN CA  HA   sing N N 88  
GLN C   O    doub N N 89  
GLN C   OXT  sing N N 90  
GLN CB  CG   sing N N 91  
GLN CB  HB2  sing N N 92  
GLN CB  HB3  sing N N 93  
GLN CG  CD   sing N N 94  
GLN CG  HG2  sing N N 95  
GLN CG  HG3  sing N N 96  
GLN CD  OE1  doub N N 97  
GLN CD  NE2  sing N N 98  
GLN NE2 HE21 sing N N 99  
GLN NE2 HE22 sing N N 100 
GLN OXT HXT  sing N N 101 
GLU N   CA   sing N N 102 
GLU N   H    sing N N 103 
GLU N   H2   sing N N 104 
GLU CA  C    sing N N 105 
GLU CA  CB   sing N N 106 
GLU CA  HA   sing N N 107 
GLU C   O    doub N N 108 
GLU C   OXT  sing N N 109 
GLU CB  CG   sing N N 110 
GLU CB  HB2  sing N N 111 
GLU CB  HB3  sing N N 112 
GLU CG  CD   sing N N 113 
GLU CG  HG2  sing N N 114 
GLU CG  HG3  sing N N 115 
GLU CD  OE1  doub N N 116 
GLU CD  OE2  sing N N 117 
GLU OE2 HE2  sing N N 118 
GLU OXT HXT  sing N N 119 
GLY N   CA   sing N N 120 
GLY N   H    sing N N 121 
GLY N   H2   sing N N 122 
GLY CA  C    sing N N 123 
GLY CA  HA2  sing N N 124 
GLY CA  HA3  sing N N 125 
GLY C   O    doub N N 126 
GLY C   OXT  sing N N 127 
GLY OXT HXT  sing N N 128 
HIS N   CA   sing N N 129 
HIS N   H    sing N N 130 
HIS N   H2   sing N N 131 
HIS CA  C    sing N N 132 
HIS CA  CB   sing N N 133 
HIS CA  HA   sing N N 134 
HIS C   O    doub N N 135 
HIS C   OXT  sing N N 136 
HIS CB  CG   sing N N 137 
HIS CB  HB2  sing N N 138 
HIS CB  HB3  sing N N 139 
HIS CG  ND1  sing Y N 140 
HIS CG  CD2  doub Y N 141 
HIS ND1 CE1  doub Y N 142 
HIS ND1 HD1  sing N N 143 
HIS CD2 NE2  sing Y N 144 
HIS CD2 HD2  sing N N 145 
HIS CE1 NE2  sing Y N 146 
HIS CE1 HE1  sing N N 147 
HIS NE2 HE2  sing N N 148 
HIS OXT HXT  sing N N 149 
HOH O   H1   sing N N 150 
HOH O   H2   sing N N 151 
ILE N   CA   sing N N 152 
ILE N   H    sing N N 153 
ILE N   H2   sing N N 154 
ILE CA  C    sing N N 155 
ILE CA  CB   sing N N 156 
ILE CA  HA   sing N N 157 
ILE C   O    doub N N 158 
ILE C   OXT  sing N N 159 
ILE CB  CG1  sing N N 160 
ILE CB  CG2  sing N N 161 
ILE CB  HB   sing N N 162 
ILE CG1 CD1  sing N N 163 
ILE CG1 HG12 sing N N 164 
ILE CG1 HG13 sing N N 165 
ILE CG2 HG21 sing N N 166 
ILE CG2 HG22 sing N N 167 
ILE CG2 HG23 sing N N 168 
ILE CD1 HD11 sing N N 169 
ILE CD1 HD12 sing N N 170 
ILE CD1 HD13 sing N N 171 
ILE OXT HXT  sing N N 172 
LEU N   CA   sing N N 173 
LEU N   H    sing N N 174 
LEU N   H2   sing N N 175 
LEU CA  C    sing N N 176 
LEU CA  CB   sing N N 177 
LEU CA  HA   sing N N 178 
LEU C   O    doub N N 179 
LEU C   OXT  sing N N 180 
LEU CB  CG   sing N N 181 
LEU CB  HB2  sing N N 182 
LEU CB  HB3  sing N N 183 
LEU CG  CD1  sing N N 184 
LEU CG  CD2  sing N N 185 
LEU CG  HG   sing N N 186 
LEU CD1 HD11 sing N N 187 
LEU CD1 HD12 sing N N 188 
LEU CD1 HD13 sing N N 189 
LEU CD2 HD21 sing N N 190 
LEU CD2 HD22 sing N N 191 
LEU CD2 HD23 sing N N 192 
LEU OXT HXT  sing N N 193 
LYS N   CA   sing N N 194 
LYS N   H    sing N N 195 
LYS N   H2   sing N N 196 
LYS CA  C    sing N N 197 
LYS CA  CB   sing N N 198 
LYS CA  HA   sing N N 199 
LYS C   O    doub N N 200 
LYS C   OXT  sing N N 201 
LYS CB  CG   sing N N 202 
LYS CB  HB2  sing N N 203 
LYS CB  HB3  sing N N 204 
LYS CG  CD   sing N N 205 
LYS CG  HG2  sing N N 206 
LYS CG  HG3  sing N N 207 
LYS CD  CE   sing N N 208 
LYS CD  HD2  sing N N 209 
LYS CD  HD3  sing N N 210 
LYS CE  NZ   sing N N 211 
LYS CE  HE2  sing N N 212 
LYS CE  HE3  sing N N 213 
LYS NZ  HZ1  sing N N 214 
LYS NZ  HZ2  sing N N 215 
LYS NZ  HZ3  sing N N 216 
LYS OXT HXT  sing N N 217 
PHE N   CA   sing N N 218 
PHE N   H    sing N N 219 
PHE N   H2   sing N N 220 
PHE CA  C    sing N N 221 
PHE CA  CB   sing N N 222 
PHE CA  HA   sing N N 223 
PHE C   O    doub N N 224 
PHE C   OXT  sing N N 225 
PHE CB  CG   sing N N 226 
PHE CB  HB2  sing N N 227 
PHE CB  HB3  sing N N 228 
PHE CG  CD1  doub Y N 229 
PHE CG  CD2  sing Y N 230 
PHE CD1 CE1  sing Y N 231 
PHE CD1 HD1  sing N N 232 
PHE CD2 CE2  doub Y N 233 
PHE CD2 HD2  sing N N 234 
PHE CE1 CZ   doub Y N 235 
PHE CE1 HE1  sing N N 236 
PHE CE2 CZ   sing Y N 237 
PHE CE2 HE2  sing N N 238 
PHE CZ  HZ   sing N N 239 
PHE OXT HXT  sing N N 240 
PRO N   CA   sing N N 241 
PRO N   CD   sing N N 242 
PRO N   H    sing N N 243 
PRO CA  C    sing N N 244 
PRO CA  CB   sing N N 245 
PRO CA  HA   sing N N 246 
PRO C   O    doub N N 247 
PRO C   OXT  sing N N 248 
PRO CB  CG   sing N N 249 
PRO CB  HB2  sing N N 250 
PRO CB  HB3  sing N N 251 
PRO CG  CD   sing N N 252 
PRO CG  HG2  sing N N 253 
PRO CG  HG3  sing N N 254 
PRO CD  HD2  sing N N 255 
PRO CD  HD3  sing N N 256 
PRO OXT HXT  sing N N 257 
SER N   CA   sing N N 258 
SER N   H    sing N N 259 
SER N   H2   sing N N 260 
SER CA  C    sing N N 261 
SER CA  CB   sing N N 262 
SER CA  HA   sing N N 263 
SER C   O    doub N N 264 
SER C   OXT  sing N N 265 
SER CB  OG   sing N N 266 
SER CB  HB2  sing N N 267 
SER CB  HB3  sing N N 268 
SER OG  HG   sing N N 269 
SER OXT HXT  sing N N 270 
THR N   CA   sing N N 271 
THR N   H    sing N N 272 
THR N   H2   sing N N 273 
THR CA  C    sing N N 274 
THR CA  CB   sing N N 275 
THR CA  HA   sing N N 276 
THR C   O    doub N N 277 
THR C   OXT  sing N N 278 
THR CB  OG1  sing N N 279 
THR CB  CG2  sing N N 280 
THR CB  HB   sing N N 281 
THR OG1 HG1  sing N N 282 
THR CG2 HG21 sing N N 283 
THR CG2 HG22 sing N N 284 
THR CG2 HG23 sing N N 285 
THR OXT HXT  sing N N 286 
TRP N   CA   sing N N 287 
TRP N   H    sing N N 288 
TRP N   H2   sing N N 289 
TRP CA  C    sing N N 290 
TRP CA  CB   sing N N 291 
TRP CA  HA   sing N N 292 
TRP C   O    doub N N 293 
TRP C   OXT  sing N N 294 
TRP CB  CG   sing N N 295 
TRP CB  HB2  sing N N 296 
TRP CB  HB3  sing N N 297 
TRP CG  CD1  doub Y N 298 
TRP CG  CD2  sing Y N 299 
TRP CD1 NE1  sing Y N 300 
TRP CD1 HD1  sing N N 301 
TRP CD2 CE2  doub Y N 302 
TRP CD2 CE3  sing Y N 303 
TRP NE1 CE2  sing Y N 304 
TRP NE1 HE1  sing N N 305 
TRP CE2 CZ2  sing Y N 306 
TRP CE3 CZ3  doub Y N 307 
TRP CE3 HE3  sing N N 308 
TRP CZ2 CH2  doub Y N 309 
TRP CZ2 HZ2  sing N N 310 
TRP CZ3 CH2  sing Y N 311 
TRP CZ3 HZ3  sing N N 312 
TRP CH2 HH2  sing N N 313 
TRP OXT HXT  sing N N 314 
TYR N   CA   sing N N 315 
TYR N   H    sing N N 316 
TYR N   H2   sing N N 317 
TYR CA  C    sing N N 318 
TYR CA  CB   sing N N 319 
TYR CA  HA   sing N N 320 
TYR C   O    doub N N 321 
TYR C   OXT  sing N N 322 
TYR CB  CG   sing N N 323 
TYR CB  HB2  sing N N 324 
TYR CB  HB3  sing N N 325 
TYR CG  CD1  doub Y N 326 
TYR CG  CD2  sing Y N 327 
TYR CD1 CE1  sing Y N 328 
TYR CD1 HD1  sing N N 329 
TYR CD2 CE2  doub Y N 330 
TYR CD2 HD2  sing N N 331 
TYR CE1 CZ   doub Y N 332 
TYR CE1 HE1  sing N N 333 
TYR CE2 CZ   sing Y N 334 
TYR CE2 HE2  sing N N 335 
TYR CZ  OH   sing N N 336 
TYR OH  HH   sing N N 337 
TYR OXT HXT  sing N N 338 
VAL N   CA   sing N N 339 
VAL N   H    sing N N 340 
VAL N   H2   sing N N 341 
VAL CA  C    sing N N 342 
VAL CA  CB   sing N N 343 
VAL CA  HA   sing N N 344 
VAL C   O    doub N N 345 
VAL C   OXT  sing N N 346 
VAL CB  CG1  sing N N 347 
VAL CB  CG2  sing N N 348 
VAL CB  HB   sing N N 349 
VAL CG1 HG11 sing N N 350 
VAL CG1 HG12 sing N N 351 
VAL CG1 HG13 sing N N 352 
VAL CG2 HG21 sing N N 353 
VAL CG2 HG22 sing N N 354 
VAL CG2 HG23 sing N N 355 
VAL OXT HXT  sing N N 356 
# 
_pdbx_initial_refinement_model.id               1 
_pdbx_initial_refinement_model.entity_id_list   ? 
_pdbx_initial_refinement_model.type             'experimental model' 
_pdbx_initial_refinement_model.source_name      PDB 
_pdbx_initial_refinement_model.accession_code   3NIS 
_pdbx_initial_refinement_model.details          'PDB ENTRY 3NIS' 
# 
_atom_sites.entry_id                    3NIJ 
_atom_sites.fract_transf_matrix[1][1]   0.00087142 
_atom_sites.fract_transf_matrix[1][2]   0.01451489 
_atom_sites.fract_transf_matrix[1][3]   0.01343630 
_atom_sites.fract_transf_matrix[2][1]   -0.00720568 
_atom_sites.fract_transf_matrix[2][2]   0.01792835 
_atom_sites.fract_transf_matrix[2][3]   -0.00431431 
_atom_sites.fract_transf_matrix[3][1]   -0.00803897 
_atom_sites.fract_transf_matrix[3][2]   -0.00246478 
_atom_sites.fract_transf_matrix[3][3]   0.00318401 
_atom_sites.fract_transf_vector[1]      0.419360 
_atom_sites.fract_transf_vector[2]      0.195992 
_atom_sites.fract_transf_vector[3]      -0.063527 
# 
loop_
_atom_type.symbol 
C  
N  
O  
S  
ZN 
# 
loop_
_atom_site.group_PDB 
_atom_site.id 
_atom_site.type_symbol 
_atom_site.label_atom_id 
_atom_site.label_alt_id 
_atom_site.label_comp_id 
_atom_site.label_asym_id 
_atom_site.label_entity_id 
_atom_site.label_seq_id 
_atom_site.pdbx_PDB_ins_code 
_atom_site.Cartn_x 
_atom_site.Cartn_y 
_atom_site.Cartn_z 
_atom_site.occupancy 
_atom_site.B_iso_or_equiv 
_atom_site.pdbx_formal_charge 
_atom_site.auth_seq_id 
_atom_site.auth_comp_id 
_atom_site.auth_asym_id 
_atom_site.auth_atom_id 
_atom_site.pdbx_PDB_model_num 
ATOM   1   N  N   . VAL A 1 3  ? -9.979  10.876  -9.582  1.00 106.15 ? 115 VAL A N   1 
ATOM   2   C  CA  . VAL A 1 3  ? -9.170  9.629   -9.753  1.00 100.44 ? 115 VAL A CA  1 
ATOM   3   C  C   . VAL A 1 3  ? -8.134  9.448   -8.643  1.00 92.16  ? 115 VAL A C   1 
ATOM   4   O  O   . VAL A 1 3  ? -7.733  10.409  -7.980  1.00 90.97  ? 115 VAL A O   1 
ATOM   5   C  CB  . VAL A 1 3  ? -8.476  9.554   -11.144 1.00 102.83 ? 115 VAL A CB  1 
ATOM   6   C  CG1 . VAL A 1 3  ? -9.508  9.366   -12.252 1.00 111.62 ? 115 VAL A CG1 1 
ATOM   7   C  CG2 . VAL A 1 3  ? -7.605  10.792  -11.401 1.00 103.46 ? 115 VAL A CG2 1 
ATOM   8   N  N   . HIS A 1 4  ? -7.706  8.203   -8.459  1.00 87.43  ? 116 HIS A N   1 
ATOM   9   C  CA  . HIS A 1 4  ? -6.765  7.838   -7.405  1.00 80.32  ? 116 HIS A CA  1 
ATOM   10  C  C   . HIS A 1 4  ? -5.328  7.786   -7.923  1.00 77.38  ? 116 HIS A C   1 
ATOM   11  O  O   . HIS A 1 4  ? -4.392  7.507   -7.163  1.00 72.37  ? 116 HIS A O   1 
ATOM   12  C  CB  . HIS A 1 4  ? -7.166  6.495   -6.803  1.00 77.73  ? 116 HIS A CB  1 
ATOM   13  C  CG  . HIS A 1 4  ? -8.638  6.352   -6.582  1.00 81.87  ? 116 HIS A CG  1 
ATOM   14  N  ND1 . HIS A 1 4  ? -9.320  7.078   -5.621  1.00 83.58  ? 116 HIS A ND1 1 
ATOM   15  C  CD2 . HIS A 1 4  ? -9.558  5.567   -7.196  1.00 86.52  ? 116 HIS A CD2 1 
ATOM   16  C  CE1 . HIS A 1 4  ? -10.599 6.750   -5.656  1.00 88.81  ? 116 HIS A CE1 1 
ATOM   17  N  NE2 . HIS A 1 4  ? -10.770 5.832   -6.600  1.00 90.90  ? 116 HIS A NE2 1 
ATOM   18  N  N   . LYS A 1 5  ? -5.170  8.064   -9.218  1.00 81.26  ? 117 LYS A N   1 
ATOM   19  C  CA  . LYS A 1 5  ? -3.865  8.172   -9.864  1.00 80.22  ? 117 LYS A CA  1 
ATOM   20  C  C   . LYS A 1 5  ? -3.062  9.301   -9.226  1.00 78.62  ? 117 LYS A C   1 
ATOM   21  O  O   . LYS A 1 5  ? -3.621  10.332  -8.839  1.00 80.73  ? 117 LYS A O   1 
ATOM   22  C  CB  . LYS A 1 5  ? -4.038  8.450   -11.360 1.00 86.67  ? 117 LYS A CB  1 
ATOM   23  C  CG  . LYS A 1 5  ? -4.889  7.430   -12.098 1.00 90.30  ? 117 LYS A CG  1 
ATOM   24  C  CD  . LYS A 1 5  ? -5.463  8.007   -13.381 1.00 99.17  ? 117 LYS A CD  1 
ATOM   25  C  CE  . LYS A 1 5  ? -6.482  7.056   -13.993 1.00 104.25 ? 117 LYS A CE  1 
ATOM   26  N  NZ  . LYS A 1 5  ? -7.166  7.653   -15.169 1.00 113.63 ? 117 LYS A NZ  1 
ATOM   27  N  N   . HIS A 1 6  ? -1.751  9.095   -9.118  1.00 75.39  ? 118 HIS A N   1 
ATOM   28  C  CA  . HIS A 1 6  ? -0.865  10.067  -8.480  1.00 74.15  ? 118 HIS A CA  1 
ATOM   29  C  C   . HIS A 1 6  ? 0.533   10.040  -9.108  1.00 74.27  ? 118 HIS A C   1 
ATOM   30  O  O   . HIS A 1 6  ? 1.546   10.060  -8.404  1.00 72.22  ? 118 HIS A O   1 
ATOM   31  C  CB  . HIS A 1 6  ? -0.799  9.803   -6.971  1.00 69.91  ? 118 HIS A CB  1 
ATOM   32  C  CG  . HIS A 1 6  ? -0.313  8.433   -6.622  1.00 65.75  ? 118 HIS A CG  1 
ATOM   33  N  ND1 . HIS A 1 6  ? 1.018   8.154   -6.402  1.00 63.98  ? 118 HIS A ND1 1 
ATOM   34  C  CD2 . HIS A 1 6  ? -0.972  7.258   -6.480  1.00 63.65  ? 118 HIS A CD2 1 
ATOM   35  C  CE1 . HIS A 1 6  ? 1.157   6.871   -6.126  1.00 60.16  ? 118 HIS A CE1 1 
ATOM   36  N  NE2 . HIS A 1 6  ? -0.036  6.305   -6.165  1.00 60.03  ? 118 HIS A NE2 1 
ATOM   37  N  N   . THR A 1 7  ? 0.569   10.003  -10.438 1.00 77.56  ? 119 THR A N   1 
ATOM   38  C  CA  . THR A 1 7  ? 1.815   9.953   -11.210 1.00 78.95  ? 119 THR A CA  1 
ATOM   39  C  C   . THR A 1 7  ? 2.935   10.833  -10.651 1.00 78.55  ? 119 THR A C   1 
ATOM   40  O  O   . THR A 1 7  ? 2.734   12.020  -10.400 1.00 81.00  ? 119 THR A O   1 
ATOM   41  C  CB  . THR A 1 7  ? 1.581   10.373  -12.677 1.00 85.41  ? 119 THR A CB  1 
ATOM   42  O  OG1 . THR A 1 7  ? 0.653   11.466  -12.723 1.00 88.87  ? 119 THR A OG1 1 
ATOM   43  C  CG2 . THR A 1 7  ? 1.032   9.218   -13.489 1.00 86.57  ? 119 THR A CG2 1 
ATOM   44  N  N   . GLY A 1 8  ? 4.110   10.239  -10.456 1.00 76.37  ? 120 GLY A N   1 
ATOM   45  C  CA  . GLY A 1 8  ? 5.317   10.995  -10.109 1.00 77.05  ? 120 GLY A CA  1 
ATOM   46  C  C   . GLY A 1 8  ? 5.386   11.515  -8.686  1.00 73.93  ? 120 GLY A C   1 
ATOM   47  O  O   . GLY A 1 8  ? 6.275   12.300  -8.346  1.00 76.52  ? 120 GLY A O   1 
ATOM   48  N  N   . ARG A 1 9  ? 4.437   11.090  -7.855  1.00 68.91  ? 121 ARG A N   1 
ATOM   49  C  CA  . ARG A 1 9  ? 4.465   11.399  -6.428  1.00 66.07  ? 121 ARG A CA  1 
ATOM   50  C  C   . ARG A 1 9  ? 3.897   10.232  -5.632  1.00 60.32  ? 121 ARG A C   1 
ATOM   51  O  O   . ARG A 1 9  ? 3.346   9.287   -6.201  1.00 58.54  ? 121 ARG A O   1 
ATOM   52  C  CB  . ARG A 1 9  ? 3.719   12.707  -6.110  1.00 68.88  ? 121 ARG A CB  1 
ATOM   53  C  CG  . ARG A 1 9  ? 2.290   12.800  -6.658  1.00 69.30  ? 121 ARG A CG  1 
ATOM   54  C  CD  . ARG A 1 9  ? 1.445   13.786  -5.840  1.00 70.32  ? 121 ARG A CD  1 
ATOM   55  N  NE  . ARG A 1 9  ? 0.968   13.170  -4.585  1.00 66.67  ? 121 ARG A NE  1 
ATOM   56  C  CZ  . ARG A 1 9  ? 0.062   13.721  -3.766  1.00 67.15  ? 121 ARG A CZ  1 
ATOM   57  N  NH1 . ARG A 1 9  ? -0.479  14.926  -4.050  1.00 72.10  ? 121 ARG A NH1 1 
ATOM   58  N  NH2 . ARG A 1 9  ? -0.298  13.065  -2.648  1.00 62.88  ? 121 ARG A NH2 1 
ATOM   59  N  N   . ASN A 1 10 ? 4.052   10.290  -4.314  1.00 57.65  ? 122 ASN A N   1 
ATOM   60  C  CA  . ASN A 1 10 ? 3.499   9.275   -3.435  1.00 52.22  ? 122 ASN A CA  1 
ATOM   61  C  C   . ASN A 1 10 ? 1.975   9.383   -3.408  1.00 50.70  ? 122 ASN A C   1 
ATOM   62  O  O   . ASN A 1 10 ? 1.409   10.450  -3.686  1.00 52.90  ? 122 ASN A O   1 
ATOM   63  C  CB  . ASN A 1 10 ? 4.061   9.444   -2.022  1.00 52.62  ? 122 ASN A CB  1 
ATOM   64  C  CG  . ASN A 1 10 ? 3.580   10.726  -1.354  1.00 55.49  ? 122 ASN A CG  1 
ATOM   65  O  OD1 . ASN A 1 10 ? 3.686   11.814  -1.921  1.00 58.67  ? 122 ASN A OD1 1 
ATOM   66  N  ND2 . ASN A 1 10 ? 3.043   10.599  -0.147  1.00 55.15  ? 122 ASN A ND2 1 
ATOM   67  N  N   . CYS A 1 11 ? 1.315   8.275   -3.079  1.00 46.62  ? 123 CYS A N   1 
ATOM   68  C  CA  . CYS A 1 11 ? -0.128  8.291   -2.907  1.00 46.07  ? 123 CYS A CA  1 
ATOM   69  C  C   . CYS A 1 11 ? -0.499  9.123   -1.678  1.00 47.26  ? 123 CYS A C   1 
ATOM   70  O  O   . CYS A 1 11 ? -1.118  10.191  -1.800  1.00 49.97  ? 123 CYS A O   1 
ATOM   71  C  CB  . CYS A 1 11 ? -0.693  6.869   -2.807  1.00 43.31  ? 123 CYS A CB  1 
ATOM   72  S  SG  . CYS A 1 11 ? -2.474  6.869   -2.538  1.00 44.62  ? 123 CYS A SG  1 
ATOM   73  N  N   . GLY A 1 12 ? -0.102  8.652   -0.499  1.00 45.65  ? 124 GLY A N   1 
ATOM   74  C  CA  . GLY A 1 12 ? -0.356  9.396   0.737   1.00 48.55  ? 124 GLY A CA  1 
ATOM   75  C  C   . GLY A 1 12 ? -1.810  9.419   1.202   1.00 50.24  ? 124 GLY A C   1 
ATOM   76  O  O   . GLY A 1 12 ? -2.144  10.133  2.153   1.00 53.00  ? 124 GLY A O   1 
ATOM   77  N  N   . ARG A 1 13 ? -2.671  8.658   0.525   1.00 48.94  ? 125 ARG A N   1 
ATOM   78  C  CA  . ARG A 1 13 ? -4.086  8.519   0.915   1.00 51.62  ? 125 ARG A CA  1 
ATOM   79  C  C   . ARG A 1 13 ? -4.179  8.009   2.345   1.00 51.37  ? 125 ARG A C   1 
ATOM   80  O  O   . ARG A 1 13 ? -3.638  6.951   2.674   1.00 48.21  ? 125 ARG A O   1 
ATOM   81  C  CB  . ARG A 1 13 ? -4.820  7.551   -0.020  1.00 50.44  ? 125 ARG A CB  1 
ATOM   82  C  CG  . ARG A 1 13 ? -6.258  7.209   0.396   1.00 53.64  ? 125 ARG A CG  1 
ATOM   83  C  CD  . ARG A 1 13 ? -6.926  6.310   -0.640  1.00 54.19  ? 125 ARG A CD  1 
ATOM   84  N  NE  . ARG A 1 13 ? -7.595  7.108   -1.665  1.00 61.03  ? 125 ARG A NE  1 
ATOM   85  C  CZ  . ARG A 1 13 ? -8.872  7.473   -1.606  1.00 67.00  ? 125 ARG A CZ  1 
ATOM   86  N  NH1 . ARG A 1 13 ? -9.628  7.095   -0.580  1.00 69.96  ? 125 ARG A NH1 1 
ATOM   87  N  NH2 . ARG A 1 13 ? -9.401  8.209   -2.575  1.00 71.31  ? 125 ARG A NH2 1 
ATOM   88  N  N   . LYS A 1 14 ? -4.853  8.779   3.187   1.00 55.94  ? 126 LYS A N   1 
ATOM   89  C  CA  . LYS A 1 14 ? -5.072  8.407   4.574   1.00 58.05  ? 126 LYS A CA  1 
ATOM   90  C  C   . LYS A 1 14 ? -6.127  7.308   4.657   1.00 57.74  ? 126 LYS A C   1 
ATOM   91  O  O   . LYS A 1 14 ? -7.184  7.403   4.026   1.00 60.07  ? 126 LYS A O   1 
ATOM   92  C  CB  . LYS A 1 14 ? -5.512  9.633   5.375   1.00 63.66  ? 126 LYS A CB  1 
ATOM   93  C  CG  . LYS A 1 14 ? -5.762  9.390   6.860   1.00 68.16  ? 126 LYS A CG  1 
ATOM   94  C  CD  . LYS A 1 14 ? -4.474  9.451   7.678   1.00 69.70  ? 126 LYS A CD  1 
ATOM   95  C  CE  . LYS A 1 14 ? -4.778  9.490   9.175   1.00 74.94  ? 126 LYS A CE  1 
ATOM   96  N  NZ  . LYS A 1 14 ? -5.355  10.792  9.601   1.00 80.88  ? 126 LYS A NZ  1 
ATOM   97  N  N   . PHE A 1 15 ? -5.836  6.271   5.435   1.00 55.97  ? 127 PHE A N   1 
ATOM   98  C  CA  . PHE A 1 15 ? -6.807  5.218   5.692   1.00 56.34  ? 127 PHE A CA  1 
ATOM   99  C  C   . PHE A 1 15 ? -7.852  5.680   6.698   1.00 61.96  ? 127 PHE A C   1 
ATOM   100 O  O   . PHE A 1 15 ? -7.559  6.460   7.607   1.00 64.74  ? 127 PHE A O   1 
ATOM   101 C  CB  . PHE A 1 15 ? -6.124  3.939   6.185   1.00 53.34  ? 127 PHE A CB  1 
ATOM   102 C  CG  . PHE A 1 15 ? -5.213  3.318   5.169   1.00 48.93  ? 127 PHE A CG  1 
ATOM   103 C  CD1 . PHE A 1 15 ? -5.725  2.515   4.161   1.00 47.55  ? 127 PHE A CD1 1 
ATOM   104 C  CD2 . PHE A 1 15 ? -3.844  3.553   5.213   1.00 47.28  ? 127 PHE A CD2 1 
ATOM   105 C  CE1 . PHE A 1 15 ? -4.882  1.943   3.212   1.00 43.75  ? 127 PHE A CE1 1 
ATOM   106 C  CE2 . PHE A 1 15 ? -2.987  2.988   4.263   1.00 43.53  ? 127 PHE A CE2 1 
ATOM   107 C  CZ  . PHE A 1 15 ? -3.503  2.186   3.264   1.00 41.40  ? 127 PHE A CZ  1 
ATOM   108 N  N   . LYS A 1 16 ? -9.076  5.206   6.499   1.00 64.22  ? 128 LYS A N   1 
ATOM   109 C  CA  . LYS A 1 16 ? -10.175 5.428   7.431   1.00 70.53  ? 128 LYS A CA  1 
ATOM   110 C  C   . LYS A 1 16 ? -10.492 4.113   8.133   1.00 70.54  ? 128 LYS A C   1 
ATOM   111 O  O   . LYS A 1 16 ? -10.211 3.039   7.598   1.00 66.51  ? 128 LYS A O   1 
ATOM   112 C  CB  . LYS A 1 16 ? -11.408 5.934   6.682   1.00 74.71  ? 128 LYS A CB  1 
ATOM   113 C  CG  . LYS A 1 16 ? -11.372 7.424   6.330   1.00 78.29  ? 128 LYS A CG  1 
ATOM   114 C  CD  . LYS A 1 16 ? -12.316 7.778   5.173   1.00 82.35  ? 128 LYS A CD  1 
ATOM   115 C  CE  . LYS A 1 16 ? -13.803 7.708   5.559   1.00 91.37  ? 128 LYS A CE  1 
ATOM   116 N  NZ  . LYS A 1 16 ? -14.328 6.304   5.515   1.00 92.37  ? 128 LYS A NZ  1 
ATOM   117 N  N   . ILE A 1 17 ? -11.061 4.203   9.333   1.00 76.30  ? 129 ILE A N   1 
ATOM   118 C  CA  . ILE A 1 17 ? -11.500 3.024   10.086  1.00 78.18  ? 129 ILE A CA  1 
ATOM   119 C  C   . ILE A 1 17 ? -12.431 2.165   9.230   1.00 78.28  ? 129 ILE A C   1 
ATOM   120 O  O   . ILE A 1 17 ? -13.394 2.665   8.644   1.00 81.66  ? 129 ILE A O   1 
ATOM   121 C  CB  . ILE A 1 17 ? -12.182 3.418   11.425  1.00 85.84  ? 129 ILE A CB  1 
ATOM   122 C  CG1 . ILE A 1 17 ? -11.181 4.130   12.342  1.00 86.59  ? 129 ILE A CG1 1 
ATOM   123 C  CG2 . ILE A 1 17 ? -12.786 2.181   12.130  1.00 89.07  ? 129 ILE A CG2 1 
ATOM   124 C  CD1 . ILE A 1 17 ? -11.816 4.859   13.522  1.00 95.35  ? 129 ILE A CD1 1 
ATOM   125 N  N   . GLY A 1 18 ? -12.108 0.878   9.139   1.00 75.35  ? 130 GLY A N   1 
ATOM   126 C  CA  . GLY A 1 18 ? -12.920 -0.077  8.394   1.00 76.38  ? 130 GLY A CA  1 
ATOM   127 C  C   . GLY A 1 18 ? -12.490 -0.285  6.954   1.00 71.84  ? 130 GLY A C   1 
ATOM   128 O  O   . GLY A 1 18 ? -13.064 -1.112  6.247   1.00 72.96  ? 130 GLY A O   1 
ATOM   129 N  N   . GLU A 1 19 ? -11.484 0.466   6.518   1.00 67.59  ? 131 GLU A N   1 
ATOM   130 C  CA  . GLU A 1 19 ? -10.949 0.332   5.161   1.00 63.60  ? 131 GLU A CA  1 
ATOM   131 C  C   . GLU A 1 19 ? -9.899  -0.787  5.078   1.00 59.10  ? 131 GLU A C   1 
ATOM   132 O  O   . GLU A 1 19 ? -9.246  -1.100  6.079   1.00 57.46  ? 131 GLU A O   1 
ATOM   133 C  CB  . GLU A 1 19 ? -10.379 1.672   4.664   1.00 62.20  ? 131 GLU A CB  1 
ATOM   134 C  CG  . GLU A 1 19 ? -11.443 2.765   4.463   1.00 66.50  ? 131 GLU A CG  1 
ATOM   135 C  CD  . GLU A 1 19 ? -10.904 4.034   3.818   1.00 66.46  ? 131 GLU A CD  1 
ATOM   136 O  OE1 . GLU A 1 19 ? -9.683  4.296   3.910   1.00 62.44  ? 131 GLU A OE1 1 
ATOM   137 O  OE2 . GLU A 1 19 ? -11.710 4.783   3.225   1.00 70.43  ? 131 GLU A OE2 1 
ATOM   138 N  N   . PRO A 1 20 ? -9.754  -1.413  3.889   1.00 57.67  ? 132 PRO A N   1 
ATOM   139 C  CA  . PRO A 1 20 ? -8.733  -2.442  3.700   1.00 54.28  ? 132 PRO A CA  1 
ATOM   140 C  C   . PRO A 1 20 ? -7.336  -1.860  3.483   1.00 50.69  ? 132 PRO A C   1 
ATOM   141 O  O   . PRO A 1 20 ? -7.180  -0.860  2.779   1.00 50.47  ? 132 PRO A O   1 
ATOM   142 C  CB  . PRO A 1 20 ? -9.197  -3.171  2.437   1.00 55.39  ? 132 PRO A CB  1 
ATOM   143 C  CG  . PRO A 1 20 ? -9.972  -2.155  1.673   1.00 58.15  ? 132 PRO A CG  1 
ATOM   144 C  CD  . PRO A 1 20 ? -10.559 -1.197  2.670   1.00 60.26  ? 132 PRO A CD  1 
ATOM   145 N  N   . LEU A 1 21 ? -6.337  -2.482  4.103   1.00 49.04  ? 133 LEU A N   1 
ATOM   146 C  CA  . LEU A 1 21 ? -4.944  -2.099  3.904   1.00 46.60  ? 133 LEU A CA  1 
ATOM   147 C  C   . LEU A 1 21 ? -4.113  -3.318  3.518   1.00 44.76  ? 133 LEU A C   1 
ATOM   148 O  O   . LEU A 1 21 ? -4.341  -4.417  4.029   1.00 46.13  ? 133 LEU A O   1 
ATOM   149 C  CB  . LEU A 1 21 ? -4.381  -1.399  5.148   1.00 47.61  ? 133 LEU A CB  1 
ATOM   150 C  CG  . LEU A 1 21 ? -4.250  -2.152  6.474   1.00 50.63  ? 133 LEU A CG  1 
ATOM   151 C  CD1 . LEU A 1 21 ? -2.823  -2.673  6.658   1.00 49.63  ? 133 LEU A CD1 1 
ATOM   152 C  CD2 . LEU A 1 21 ? -4.637  -1.230  7.625   1.00 54.28  ? 133 LEU A CD2 1 
ATOM   153 N  N   . TYR A 1 22 ? -3.157  -3.115  2.618   1.00 42.61  ? 134 TYR A N   1 
ATOM   154 C  CA  . TYR A 1 22 ? -2.370  -4.209  2.055   1.00 41.58  ? 134 TYR A CA  1 
ATOM   155 C  C   . TYR A 1 22 ? -0.887  -4.083  2.405   1.00 40.48  ? 134 TYR A C   1 
ATOM   156 O  O   . TYR A 1 22 ? -0.268  -3.037  2.177   1.00 39.56  ? 134 TYR A O   1 
ATOM   157 C  CB  . TYR A 1 22 ? -2.553  -4.268  0.534   1.00 41.77  ? 134 TYR A CB  1 
ATOM   158 C  CG  . TYR A 1 22 ? -3.961  -4.618  0.079   1.00 45.50  ? 134 TYR A CG  1 
ATOM   159 C  CD1 . TYR A 1 22 ? -4.276  -5.911  -0.331  1.00 47.34  ? 134 TYR A CD1 1 
ATOM   160 C  CD2 . TYR A 1 22 ? -4.976  -3.655  0.057   1.00 47.20  ? 134 TYR A CD2 1 
ATOM   161 C  CE1 . TYR A 1 22 ? -5.565  -6.245  -0.757  1.00 51.03  ? 134 TYR A CE1 1 
ATOM   162 C  CE2 . TYR A 1 22 ? -6.271  -3.982  -0.362  1.00 51.15  ? 134 TYR A CE2 1 
ATOM   163 C  CZ  . TYR A 1 22 ? -6.554  -5.283  -0.767  1.00 52.89  ? 134 TYR A CZ  1 
ATOM   164 O  OH  . TYR A 1 22 ? -7.824  -5.626  -1.185  1.00 57.72  ? 134 TYR A OH  1 
ATOM   165 N  N   . ARG A 1 23 ? -0.331  -5.152  2.971   1.00 40.94  ? 135 ARG A N   1 
ATOM   166 C  CA  . ARG A 1 23 ? 1.105   -5.257  3.225   1.00 41.21  ? 135 ARG A CA  1 
ATOM   167 C  C   . ARG A 1 23 ? 1.669   -6.475  2.500   1.00 41.07  ? 135 ARG A C   1 
ATOM   168 O  O   . ARG A 1 23 ? 0.961   -7.457  2.272   1.00 41.53  ? 135 ARG A O   1 
ATOM   169 C  CB  . ARG A 1 23 ? 1.385   -5.406  4.719   1.00 43.60  ? 135 ARG A CB  1 
ATOM   170 C  CG  . ARG A 1 23 ? 1.131   -4.161  5.539   1.00 46.76  ? 135 ARG A CG  1 
ATOM   171 C  CD  . ARG A 1 23 ? 1.714   -4.314  6.936   1.00 53.80  ? 135 ARG A CD  1 
ATOM   172 N  NE  . ARG A 1 23 ? 0.945   -5.243  7.762   1.00 57.60  ? 135 ARG A NE  1 
ATOM   173 C  CZ  . ARG A 1 23 ? 0.235   -4.897  8.835   1.00 61.91  ? 135 ARG A CZ  1 
ATOM   174 N  NH1 . ARG A 1 23 ? 0.193   -3.631  9.239   1.00 63.90  ? 135 ARG A NH1 1 
ATOM   175 N  NH2 . ARG A 1 23 ? -0.432  -5.825  9.514   1.00 64.34  ? 135 ARG A NH2 1 
ATOM   176 N  N   . CYS A 1 24 ? 2.949   -6.413  2.152   1.00 40.80  ? 136 CYS A N   1 
ATOM   177 C  CA  . CYS A 1 24 ? 3.609   -7.542  1.510   1.00 41.62  ? 136 CYS A CA  1 
ATOM   178 C  C   . CYS A 1 24 ? 4.945   -7.816  2.183   1.00 43.51  ? 136 CYS A C   1 
ATOM   179 O  O   . CYS A 1 24 ? 5.807   -6.941  2.228   1.00 44.07  ? 136 CYS A O   1 
ATOM   180 C  CB  . CYS A 1 24 ? 3.800   -7.278  0.015   1.00 41.48  ? 136 CYS A CB  1 
ATOM   181 S  SG  . CYS A 1 24 ? 4.514   -8.680  -0.869  1.00 44.28  ? 136 CYS A SG  1 
ATOM   182 N  N   . HIS A 1 25 ? 5.105   -9.032  2.700   1.00 44.93  ? 137 HIS A N   1 
ATOM   183 C  CA  . HIS A 1 25 ? 6.318   -9.409  3.430   1.00 47.97  ? 137 HIS A CA  1 
ATOM   184 C  C   . HIS A 1 25 ? 7.581   -9.161  2.605   1.00 49.83  ? 137 HIS A C   1 
ATOM   185 O  O   . HIS A 1 25 ? 8.538   -8.572  3.101   1.00 52.08  ? 137 HIS A O   1 
ATOM   186 C  CB  . HIS A 1 25 ? 6.258   -10.869 3.887   1.00 50.42  ? 137 HIS A CB  1 
ATOM   187 C  CG  . HIS A 1 25 ? 7.482   -11.317 4.630   1.00 54.72  ? 137 HIS A CG  1 
ATOM   188 N  ND1 . HIS A 1 25 ? 7.752   -10.925 5.923   1.00 56.20  ? 137 HIS A ND1 1 
ATOM   189 C  CD2 . HIS A 1 25 ? 8.509   -12.118 4.258   1.00 58.19  ? 137 HIS A CD2 1 
ATOM   190 C  CE1 . HIS A 1 25 ? 8.893   -11.464 6.316   1.00 61.67  ? 137 HIS A CE1 1 
ATOM   191 N  NE2 . HIS A 1 25 ? 9.372   -12.193 5.324   1.00 61.96  ? 137 HIS A NE2 1 
ATOM   192 N  N   . GLU A 1 26 ? 7.555   -9.600  1.350   1.00 49.53  ? 138 GLU A N   1 
ATOM   193 C  CA  . GLU A 1 26 ? 8.681   -9.458  0.420   1.00 52.36  ? 138 GLU A CA  1 
ATOM   194 C  C   . GLU A 1 26 ? 8.900   -8.021  -0.064  1.00 51.15  ? 138 GLU A C   1 
ATOM   195 O  O   . GLU A 1 26 ? 10.026  -7.522  -0.019  1.00 54.14  ? 138 GLU A O   1 
ATOM   196 C  CB  . GLU A 1 26 ? 8.497   -10.390 -0.789  1.00 53.38  ? 138 GLU A CB  1 
ATOM   197 C  CG  . GLU A 1 26 ? 8.598   -11.891 -0.468  1.00 56.05  ? 138 GLU A CG  1 
ATOM   198 C  CD  . GLU A 1 26 ? 7.451   -12.404 0.395   1.00 53.81  ? 138 GLU A CD  1 
ATOM   199 O  OE1 . GLU A 1 26 ? 6.291   -11.993 0.167   1.00 48.11  ? 138 GLU A OE1 1 
ATOM   200 O  OE2 . GLU A 1 26 ? 7.715   -13.223 1.308   1.00 56.56  ? 138 GLU A OE2 1 
ATOM   201 N  N   . CYS A 1 27 ? 7.830   -7.363  -0.518  1.00 47.52  ? 139 CYS A N   1 
ATOM   202 C  CA  . CYS A 1 27 ? 7.946   -6.050  -1.161  1.00 47.21  ? 139 CYS A CA  1 
ATOM   203 C  C   . CYS A 1 27 ? 8.131   -4.913  -0.161  1.00 47.16  ? 139 CYS A C   1 
ATOM   204 O  O   . CYS A 1 27 ? 8.818   -3.936  -0.456  1.00 48.76  ? 139 CYS A O   1 
ATOM   205 C  CB  . CYS A 1 27 ? 6.741   -5.769  -2.069  1.00 44.82  ? 139 CYS A CB  1 
ATOM   206 S  SG  . CYS A 1 27 ? 6.421   -7.070  -3.291  1.00 45.76  ? 139 CYS A SG  1 
ATOM   207 N  N   . GLY A 1 28 ? 7.515   -5.042  1.011   1.00 46.31  ? 140 GLY A N   1 
ATOM   208 C  CA  . GLY A 1 28 ? 7.619   -4.031  2.058   1.00 47.39  ? 140 GLY A CA  1 
ATOM   209 C  C   . GLY A 1 28 ? 8.973   -3.986  2.741   1.00 52.52  ? 140 GLY A C   1 
ATOM   210 O  O   . GLY A 1 28 ? 9.508   -5.018  3.145   1.00 54.72  ? 140 GLY A O   1 
ATOM   211 N  N   . CYS A 1 29 ? 9.518   -2.777  2.868   1.00 55.13  ? 141 CYS A N   1 
ATOM   212 C  CA  . CYS A 1 29 ? 10.768  -2.548  3.585   1.00 61.93  ? 141 CYS A CA  1 
ATOM   213 C  C   . CYS A 1 29 ? 10.659  -2.988  5.037   1.00 64.30  ? 141 CYS A C   1 
ATOM   214 O  O   . CYS A 1 29 ? 11.489  -3.753  5.526   1.00 68.89  ? 141 CYS A O   1 
ATOM   215 C  CB  . CYS A 1 29 ? 11.166  -1.077  3.504   1.00 64.03  ? 141 CYS A CB  1 
ATOM   216 S  SG  . CYS A 1 29 ? 11.884  -0.627  1.920   1.00 67.24  ? 141 CYS A SG  1 
ATOM   217 N  N   . ASP A 1 30 ? 9.639   -2.486  5.723   1.00 62.26  ? 142 ASP A N   1 
ATOM   218 C  CA  . ASP A 1 30 ? 9.296   -2.978  7.050   1.00 64.61  ? 142 ASP A CA  1 
ATOM   219 C  C   . ASP A 1 30 ? 7.792   -3.202  7.151   1.00 59.97  ? 142 ASP A C   1 
ATOM   220 O  O   . ASP A 1 30 ? 7.062   -3.039  6.168   1.00 55.44  ? 142 ASP A O   1 
ATOM   221 C  CB  . ASP A 1 30 ? 9.829   -2.057  8.164   1.00 70.26  ? 142 ASP A CB  1 
ATOM   222 C  CG  . ASP A 1 30 ? 9.274   -0.645  8.090   1.00 69.02  ? 142 ASP A CG  1 
ATOM   223 O  OD1 . ASP A 1 30 ? 10.078  0.306   8.195   1.00 72.75  ? 142 ASP A OD1 1 
ATOM   224 O  OD2 . ASP A 1 30 ? 8.041   -0.477  7.945   1.00 65.23  ? 142 ASP A OD2 1 
ATOM   225 N  N   . ASP A 1 31 ? 7.335   -3.563  8.344   1.00 62.19  ? 143 ASP A N   1 
ATOM   226 C  CA  . ASP A 1 31 ? 5.949   -3.957  8.554   1.00 59.10  ? 143 ASP A CA  1 
ATOM   227 C  C   . ASP A 1 31 ? 4.984   -2.772  8.639   1.00 56.95  ? 143 ASP A C   1 
ATOM   228 O  O   . ASP A 1 31 ? 3.786   -2.958  8.860   1.00 55.40  ? 143 ASP A O   1 
ATOM   229 C  CB  . ASP A 1 31 ? 5.852   -4.821  9.814   1.00 63.71  ? 143 ASP A CB  1 
ATOM   230 C  CG  . ASP A 1 31 ? 4.898   -5.986  9.653   1.00 62.35  ? 143 ASP A CG  1 
ATOM   231 O  OD1 . ASP A 1 31 ? 4.803   -6.531  8.530   1.00 60.70  ? 143 ASP A OD1 1 
ATOM   232 O  OD2 . ASP A 1 31 ? 4.257   -6.365  10.658  1.00 66.69  ? 143 ASP A OD2 1 
ATOM   233 N  N   . THR A 1 32 ? 5.507   -1.559  8.471   1.00 57.41  ? 144 THR A N   1 
ATOM   234 C  CA  . THR A 1 32 ? 4.675   -0.351  8.476   1.00 56.00  ? 144 THR A CA  1 
ATOM   235 C  C   . THR A 1 32 ? 4.364   0.121   7.051   1.00 51.01  ? 144 THR A C   1 
ATOM   236 O  O   . THR A 1 32 ? 3.632   1.095   6.856   1.00 50.11  ? 144 THR A O   1 
ATOM   237 C  CB  . THR A 1 32 ? 5.323   0.814   9.272   1.00 61.08  ? 144 THR A CB  1 
ATOM   238 O  OG1 . THR A 1 32 ? 6.375   1.406   8.496   1.00 62.35  ? 144 THR A OG1 1 
ATOM   239 C  CG2 . THR A 1 32 ? 5.875   0.334   10.623  1.00 67.34  ? 144 THR A CG2 1 
ATOM   240 N  N   . CYS A 1 33 ? 4.923   -0.580  6.066   1.00 48.43  ? 145 CYS A N   1 
ATOM   241 C  CA  . CYS A 1 33 ? 4.784   -0.207  4.658   1.00 44.79  ? 145 CYS A CA  1 
ATOM   242 C  C   . CYS A 1 33 ? 3.519   -0.793  4.050   1.00 41.19  ? 145 CYS A C   1 
ATOM   243 O  O   . CYS A 1 33 ? 3.355   -2.017  3.984   1.00 40.01  ? 145 CYS A O   1 
ATOM   244 C  CB  . CYS A 1 33 ? 6.019   -0.634  3.872   1.00 45.29  ? 145 CYS A CB  1 
ATOM   245 S  SG  . CYS A 1 33 ? 7.552   0.061   4.529   1.00 49.54  ? 145 CYS A SG  1 
ATOM   246 N  N   . VAL A 1 34 ? 2.631   0.089   3.600   1.00 40.08  ? 146 VAL A N   1 
ATOM   247 C  CA  . VAL A 1 34 ? 1.261   -0.300  3.246   1.00 38.37  ? 146 VAL A CA  1 
ATOM   248 C  C   . VAL A 1 34 ? 0.753   0.308   1.935   1.00 37.41  ? 146 VAL A C   1 
ATOM   249 O  O   . VAL A 1 34 ? 1.220   1.368   1.503   1.00 37.34  ? 146 VAL A O   1 
ATOM   250 C  CB  . VAL A 1 34 ? 0.243   0.055   4.387   1.00 40.10  ? 146 VAL A CB  1 
ATOM   251 C  CG1 . VAL A 1 34 ? 0.595   -0.660  5.689   1.00 42.38  ? 146 VAL A CG1 1 
ATOM   252 C  CG2 . VAL A 1 34 ? 0.176   1.561   4.620   1.00 41.20  ? 146 VAL A CG2 1 
ATOM   253 N  N   . LEU A 1 35 ? -0.226  -0.371  1.334   1.00 36.90  ? 147 LEU A N   1 
ATOM   254 C  CA  . LEU A 1 35 ? -0.892  0.064   0.103   1.00 37.62  ? 147 LEU A CA  1 
ATOM   255 C  C   . LEU A 1 35 ? -2.403  0.115   0.303   1.00 39.56  ? 147 LEU A C   1 
ATOM   256 O  O   . LEU A 1 35 ? -2.963  -0.734  0.991   1.00 39.54  ? 147 LEU A O   1 
ATOM   257 C  CB  . LEU A 1 35 ? -0.584  -0.904  -1.043  1.00 37.42  ? 147 LEU A CB  1 
ATOM   258 C  CG  . LEU A 1 35 ? 0.861   -1.001  -1.540  1.00 37.24  ? 147 LEU A CG  1 
ATOM   259 C  CD1 . LEU A 1 35 ? 1.101   -2.289  -2.309  1.00 37.00  ? 147 LEU A CD1 1 
ATOM   260 C  CD2 . LEU A 1 35 ? 1.202   0.204   -2.403  1.00 38.05  ? 147 LEU A CD2 1 
ATOM   261 N  N   . CYS A 1 36 ? -3.059  1.111   -0.290  1.00 41.71  ? 148 CYS A N   1 
ATOM   262 C  CA  . CYS A 1 36 ? -4.519  1.164   -0.261  1.00 44.59  ? 148 CYS A CA  1 
ATOM   263 C  C   . CYS A 1 36 ? -5.121  0.280   -1.351  1.00 46.24  ? 148 CYS A C   1 
ATOM   264 O  O   . CYS A 1 36 ? -4.396  -0.240  -2.207  1.00 45.09  ? 148 CYS A O   1 
ATOM   265 C  CB  . CYS A 1 36 ? -5.029  2.605   -0.381  1.00 46.73  ? 148 CYS A CB  1 
ATOM   266 S  SG  . CYS A 1 36 ? -4.827  3.367   -2.006  1.00 47.60  ? 148 CYS A SG  1 
ATOM   267 N  N   . ILE A 1 37 ? -6.448  0.133   -1.319  1.00 49.86  ? 149 ILE A N   1 
ATOM   268 C  CA  . ILE A 1 37 ? -7.177  -0.724  -2.261  1.00 53.48  ? 149 ILE A CA  1 
ATOM   269 C  C   . ILE A 1 37 ? -7.113  -0.177  -3.695  1.00 55.77  ? 149 ILE A C   1 
ATOM   270 O  O   . ILE A 1 37 ? -7.151  -0.939  -4.656  1.00 58.06  ? 149 ILE A O   1 
ATOM   271 C  CB  . ILE A 1 37 ? -8.657  -0.983  -1.793  1.00 57.46  ? 149 ILE A CB  1 
ATOM   272 C  CG1 . ILE A 1 37 ? -9.285  -2.145  -2.579  1.00 61.64  ? 149 ILE A CG1 1 
ATOM   273 C  CG2 . ILE A 1 37 ? -9.504  0.311   -1.858  1.00 61.44  ? 149 ILE A CG2 1 
ATOM   274 C  CD1 . ILE A 1 37 ? -10.582 -2.707  -1.987  1.00 65.54  ? 149 ILE A CD1 1 
ATOM   275 N  N   . HIS A 1 38 ? -6.986  1.138   -3.828  1.00 56.50  ? 150 HIS A N   1 
ATOM   276 C  CA  . HIS A 1 38 ? -6.892  1.770   -5.143  1.00 59.24  ? 150 HIS A CA  1 
ATOM   277 C  C   . HIS A 1 38 ? -5.501  1.636   -5.771  1.00 56.67  ? 150 HIS A C   1 
ATOM   278 O  O   . HIS A 1 38 ? -5.339  1.850   -6.977  1.00 59.69  ? 150 HIS A O   1 
ATOM   279 C  CB  . HIS A 1 38 ? -7.296  3.242   -5.052  1.00 61.58  ? 150 HIS A CB  1 
ATOM   280 C  CG  . HIS A 1 38 ? -8.654  3.454   -4.460  1.00 65.73  ? 150 HIS A CG  1 
ATOM   281 N  ND1 . HIS A 1 38 ? -8.854  4.146   -3.285  1.00 65.19  ? 150 HIS A ND1 1 
ATOM   282 C  CD2 . HIS A 1 38 ? -9.877  3.032   -4.862  1.00 70.79  ? 150 HIS A CD2 1 
ATOM   283 C  CE1 . HIS A 1 38 ? -10.143 4.157   -2.998  1.00 69.52  ? 150 HIS A CE1 1 
ATOM   284 N  NE2 . HIS A 1 38 ? -10.785 3.488   -3.939  1.00 73.99  ? 150 HIS A NE2 1 
ATOM   285 N  N   . CYS A 1 39 ? -4.510  1.279   -4.954  1.00 51.84  ? 151 CYS A N   1 
ATOM   286 C  CA  . CYS A 1 39 ? -3.109  1.255   -5.375  1.00 49.68  ? 151 CYS A CA  1 
ATOM   287 C  C   . CYS A 1 39 ? -2.577  -0.185  -5.497  1.00 49.34  ? 151 CYS A C   1 
ATOM   288 O  O   . CYS A 1 39 ? -1.800  -0.500  -6.413  1.00 50.50  ? 151 CYS A O   1 
ATOM   289 C  CB  . CYS A 1 39 ? -2.242  2.064   -4.389  1.00 46.64  ? 151 CYS A CB  1 
ATOM   290 S  SG  . CYS A 1 39 ? -2.471  3.905   -4.344  1.00 46.02  ? 151 CYS A SG  1 
ATOM   291 N  N   . PHE A 1 40 ? -2.998  -1.054  -4.577  1.00 48.46  ? 152 PHE A N   1 
ATOM   292 C  CA  . PHE A 1 40 ? -2.562  -2.454  -4.571  1.00 48.53  ? 152 PHE A CA  1 
ATOM   293 C  C   . PHE A 1 40 ? -2.920  -3.178  -5.872  1.00 52.95  ? 152 PHE A C   1 
ATOM   294 O  O   . PHE A 1 40 ? -4.094  -3.267  -6.260  1.00 56.20  ? 152 PHE A O   1 
ATOM   295 C  CB  . PHE A 1 40 ? -3.131  -3.200  -3.360  1.00 47.36  ? 152 PHE A CB  1 
ATOM   296 C  CG  . PHE A 1 40 ? -2.754  -4.671  -3.305  1.00 47.14  ? 152 PHE A CG  1 
ATOM   297 C  CD1 . PHE A 1 40 ? -1.535  -5.072  -2.768  1.00 44.53  ? 152 PHE A CD1 1 
ATOM   298 C  CD2 . PHE A 1 40 ? -3.629  -5.646  -3.776  1.00 50.03  ? 152 PHE A CD2 1 
ATOM   299 C  CE1 . PHE A 1 40 ? -1.193  -6.429  -2.704  1.00 45.08  ? 152 PHE A CE1 1 
ATOM   300 C  CE2 . PHE A 1 40 ? -3.294  -7.001  -3.731  1.00 51.40  ? 152 PHE A CE2 1 
ATOM   301 C  CZ  . PHE A 1 40 ? -2.072  -7.391  -3.190  1.00 48.73  ? 152 PHE A CZ  1 
ATOM   302 N  N   . ASN A 1 41 ? -1.888  -3.689  -6.536  1.00 53.93  ? 153 ASN A N   1 
ATOM   303 C  CA  . ASN A 1 41 ? -2.050  -4.434  -7.774  1.00 58.61  ? 153 ASN A CA  1 
ATOM   304 C  C   . ASN A 1 41 ? -1.645  -5.888  -7.555  1.00 58.87  ? 153 ASN A C   1 
ATOM   305 O  O   . ASN A 1 41 ? -0.477  -6.163  -7.265  1.00 57.03  ? 153 ASN A O   1 
ATOM   306 C  CB  . ASN A 1 41 ? -1.216  -3.795  -8.890  1.00 60.84  ? 153 ASN A CB  1 
ATOM   307 C  CG  . ASN A 1 41 ? -1.714  -4.159  -10.287 1.00 67.30  ? 153 ASN A CG  1 
ATOM   308 O  OD1 . ASN A 1 41 ? -2.260  -5.239  -10.512 1.00 70.50  ? 153 ASN A OD1 1 
ATOM   309 N  ND2 . ASN A 1 41 ? -1.519  -3.251  -11.230 1.00 69.75  ? 153 ASN A ND2 1 
ATOM   310 N  N   . PRO A 1 42 ? -2.610  -6.824  -7.672  1.00 61.96  ? 154 PRO A N   1 
ATOM   311 C  CA  . PRO A 1 42 ? -2.324  -8.255  -7.486  1.00 63.14  ? 154 PRO A CA  1 
ATOM   312 C  C   . PRO A 1 42 ? -1.230  -8.748  -8.429  1.00 65.70  ? 154 PRO A C   1 
ATOM   313 O  O   . PRO A 1 42 ? -0.489  -9.674  -8.093  1.00 65.93  ? 154 PRO A O   1 
ATOM   314 C  CB  . PRO A 1 42 ? -3.657  -8.930  -7.831  1.00 67.94  ? 154 PRO A CB  1 
ATOM   315 C  CG  . PRO A 1 42 ? -4.686  -7.878  -7.627  1.00 67.79  ? 154 PRO A CG  1 
ATOM   316 C  CD  . PRO A 1 42 ? -4.031  -6.581  -7.984  1.00 65.29  ? 154 PRO A CD  1 
ATOM   317 N  N   . LYS A 1 43 ? -1.135  -8.108  -9.591  1.00 68.65  ? 155 LYS A N   1 
ATOM   318 C  CA  . LYS A 1 43 ? -0.131  -8.406  -10.614 1.00 72.22  ? 155 LYS A CA  1 
ATOM   319 C  C   . LYS A 1 43 ? 1.294   -8.295  -10.069 1.00 68.52  ? 155 LYS A C   1 
ATOM   320 O  O   . LYS A 1 43 ? 2.203   -8.971  -10.550 1.00 71.40  ? 155 LYS A O   1 
ATOM   321 C  CB  . LYS A 1 43 ? -0.317  -7.432  -11.782 1.00 75.81  ? 155 LYS A CB  1 
ATOM   322 C  CG  . LYS A 1 43 ? 0.316   -7.835  -13.104 1.00 82.65  ? 155 LYS A CG  1 
ATOM   323 C  CD  . LYS A 1 43 ? 0.159   -6.697  -14.110 1.00 86.00  ? 155 LYS A CD  1 
ATOM   324 C  CE  . LYS A 1 43 ? 0.802   -7.021  -15.450 1.00 94.53  ? 155 LYS A CE  1 
ATOM   325 N  NZ  . LYS A 1 43 ? 0.771   -5.835  -16.359 1.00 97.79  ? 155 LYS A NZ  1 
ATOM   326 N  N   . ASP A 1 44 ? 1.473   -7.435  -9.066  1.00 62.90  ? 156 ASP A N   1 
ATOM   327 C  CA  . ASP A 1 44 ? 2.777   -7.200  -8.447  1.00 60.05  ? 156 ASP A CA  1 
ATOM   328 C  C   . ASP A 1 44 ? 3.190   -8.285  -7.451  1.00 58.37  ? 156 ASP A C   1 
ATOM   329 O  O   . ASP A 1 44 ? 4.372   -8.406  -7.131  1.00 58.37  ? 156 ASP A O   1 
ATOM   330 C  CB  . ASP A 1 44 ? 2.796   -5.837  -7.736  1.00 56.10  ? 156 ASP A CB  1 
ATOM   331 C  CG  . ASP A 1 44 ? 2.766   -4.662  -8.700  1.00 58.26  ? 156 ASP A CG  1 
ATOM   332 O  OD1 . ASP A 1 44 ? 3.309   -4.790  -9.817  1.00 63.87  ? 156 ASP A OD1 1 
ATOM   333 O  OD2 . ASP A 1 44 ? 2.212   -3.603  -8.333  1.00 55.68  ? 156 ASP A OD2 1 
ATOM   334 N  N   . HIS A 1 45 ? 2.224   -9.065  -6.964  1.00 57.70  ? 157 HIS A N   1 
ATOM   335 C  CA  . HIS A 1 45 ? 2.442   -9.910  -5.780  1.00 55.65  ? 157 HIS A CA  1 
ATOM   336 C  C   . HIS A 1 45 ? 1.983   -11.370 -5.909  1.00 58.73  ? 157 HIS A C   1 
ATOM   337 O  O   . HIS A 1 45 ? 1.518   -11.975 -4.933  1.00 57.70  ? 157 HIS A O   1 
ATOM   338 C  CB  . HIS A 1 45 ? 1.798   -9.263  -4.546  1.00 51.75  ? 157 HIS A CB  1 
ATOM   339 C  CG  . HIS A 1 45 ? 2.080   -7.795  -4.413  1.00 49.45  ? 157 HIS A CG  1 
ATOM   340 N  ND1 . HIS A 1 45 ? 3.272   -7.305  -3.926  1.00 48.81  ? 157 HIS A ND1 1 
ATOM   341 C  CD2 . HIS A 1 45 ? 1.327   -6.713  -4.717  1.00 49.14  ? 157 HIS A CD2 1 
ATOM   342 C  CE1 . HIS A 1 45 ? 3.237   -5.985  -3.924  1.00 46.45  ? 157 HIS A CE1 1 
ATOM   343 N  NE2 . HIS A 1 45 ? 2.069   -5.599  -4.404  1.00 47.49  ? 157 HIS A NE2 1 
ATOM   344 N  N   . VAL A 1 46 ? 2.138   -11.941 -7.102  1.00 62.84  ? 158 VAL A N   1 
ATOM   345 C  CA  . VAL A 1 46 ? 1.788   -13.347 -7.340  1.00 66.51  ? 158 VAL A CA  1 
ATOM   346 C  C   . VAL A 1 46 ? 2.614   -14.261 -6.433  1.00 66.42  ? 158 VAL A C   1 
ATOM   347 O  O   . VAL A 1 46 ? 3.843   -14.207 -6.437  1.00 66.68  ? 158 VAL A O   1 
ATOM   348 C  CB  . VAL A 1 46 ? 1.963   -13.742 -8.829  1.00 72.73  ? 158 VAL A CB  1 
ATOM   349 C  CG1 . VAL A 1 46 ? 1.510   -15.188 -9.074  1.00 77.76  ? 158 VAL A CG1 1 
ATOM   350 C  CG2 . VAL A 1 46 ? 1.190   -12.783 -9.735  1.00 73.11  ? 158 VAL A CG2 1 
ATOM   351 N  N   . ASN A 1 47 ? 1.913   -15.073 -5.639  1.00 66.41  ? 159 ASN A N   1 
ATOM   352 C  CA  . ASN A 1 47 ? 2.520   -15.990 -4.662  1.00 66.89  ? 159 ASN A CA  1 
ATOM   353 C  C   . ASN A 1 47 ? 3.406   -15.319 -3.601  1.00 62.89  ? 159 ASN A C   1 
ATOM   354 O  O   . ASN A 1 47 ? 4.151   -15.988 -2.882  1.00 63.97  ? 159 ASN A O   1 
ATOM   355 C  CB  . ASN A 1 47 ? 3.248   -17.152 -5.362  1.00 73.10  ? 159 ASN A CB  1 
ATOM   356 C  CG  . ASN A 1 47 ? 2.278   -18.112 -6.081  1.00 78.59  ? 159 ASN A CG  1 
ATOM   357 O  OD1 . ASN A 1 47 ? 2.602   -18.642 -7.146  1.00 84.35  ? 159 ASN A OD1 1 
ATOM   358 N  ND2 . ASN A 1 47 ? 1.080   -18.321 -5.504  1.00 77.95  ? 159 ASN A ND2 1 
ATOM   359 N  N   . HIS A 1 48 ? 3.319   -13.993 -3.518  1.00 58.80  ? 160 HIS A N   1 
ATOM   360 C  CA  . HIS A 1 48 ? 3.925   -13.233 -2.425  1.00 55.75  ? 160 HIS A CA  1 
ATOM   361 C  C   . HIS A 1 48 ? 3.104   -13.432 -1.151  1.00 54.22  ? 160 HIS A C   1 
ATOM   362 O  O   . HIS A 1 48 ? 1.985   -13.961 -1.196  1.00 55.08  ? 160 HIS A O   1 
ATOM   363 C  CB  . HIS A 1 48 ? 4.026   -11.743 -2.792  1.00 52.56  ? 160 HIS A CB  1 
ATOM   364 C  CG  . HIS A 1 48 ? 5.120   -11.438 -3.773  1.00 54.87  ? 160 HIS A CG  1 
ATOM   365 N  ND1 . HIS A 1 48 ? 5.600   -10.164 -3.984  1.00 53.65  ? 160 HIS A ND1 1 
ATOM   366 C  CD2 . HIS A 1 48 ? 5.847   -12.252 -4.577  1.00 59.02  ? 160 HIS A CD2 1 
ATOM   367 C  CE1 . HIS A 1 48 ? 6.560   -10.199 -4.892  1.00 57.04  ? 160 HIS A CE1 1 
ATOM   368 N  NE2 . HIS A 1 48 ? 6.732   -11.455 -5.265  1.00 60.73  ? 160 HIS A NE2 1 
ATOM   369 N  N   . HIS A 1 49 ? 3.667   -13.036 -0.014  1.00 52.90  ? 161 HIS A N   1 
ATOM   370 C  CA  . HIS A 1 49 ? 2.975   -13.210 1.252   1.00 52.44  ? 161 HIS A CA  1 
ATOM   371 C  C   . HIS A 1 49 ? 2.246   -11.929 1.635   1.00 48.96  ? 161 HIS A C   1 
ATOM   372 O  O   . HIS A 1 49 ? 2.746   -11.107 2.405   1.00 47.56  ? 161 HIS A O   1 
ATOM   373 C  CB  . HIS A 1 49 ? 3.943   -13.689 2.332   1.00 54.91  ? 161 HIS A CB  1 
ATOM   374 C  CG  . HIS A 1 49 ? 4.419   -15.093 2.121   1.00 59.43  ? 161 HIS A CG  1 
ATOM   375 N  ND1 . HIS A 1 49 ? 5.515   -15.398 1.342   1.00 62.57  ? 161 HIS A ND1 1 
ATOM   376 C  CD2 . HIS A 1 49 ? 3.935   -16.276 2.569   1.00 62.91  ? 161 HIS A CD2 1 
ATOM   377 C  CE1 . HIS A 1 49 ? 5.693   -16.707 1.330   1.00 66.29  ? 161 HIS A CE1 1 
ATOM   378 N  NE2 . HIS A 1 49 ? 4.748   -17.264 2.068   1.00 67.32  ? 161 HIS A NE2 1 
ATOM   379 N  N   . VAL A 1 50 ? 1.056   -11.777 1.062   1.00 48.62  ? 162 VAL A N   1 
ATOM   380 C  CA  . VAL A 1 50 ? 0.263   -10.557 1.197   1.00 46.54  ? 162 VAL A CA  1 
ATOM   381 C  C   . VAL A 1 50 ? -0.683  -10.653 2.385   1.00 47.52  ? 162 VAL A C   1 
ATOM   382 O  O   . VAL A 1 50 ? -1.432  -11.625 2.535   1.00 49.33  ? 162 VAL A O   1 
ATOM   383 C  CB  . VAL A 1 50 ? -0.517  -10.224 -0.103  1.00 46.66  ? 162 VAL A CB  1 
ATOM   384 C  CG1 . VAL A 1 50 ? -1.375  -8.956  0.071   1.00 43.98  ? 162 VAL A CG1 1 
ATOM   385 C  CG2 . VAL A 1 50 ? 0.449   -10.036 -1.261  1.00 47.16  ? 162 VAL A CG2 1 
ATOM   386 N  N   . CYS A 1 51 ? -0.620  -9.630  3.229   1.00 46.86  ? 163 CYS A N   1 
ATOM   387 C  CA  . CYS A 1 51 ? -1.467  -9.523  4.396   1.00 48.72  ? 163 CYS A CA  1 
ATOM   388 C  C   . CYS A 1 51 ? -2.466  -8.403  4.179   1.00 48.49  ? 163 CYS A C   1 
ATOM   389 O  O   . CYS A 1 51 ? -2.093  -7.234  4.153   1.00 47.34  ? 163 CYS A O   1 
ATOM   390 C  CB  . CYS A 1 51 ? -0.624  -9.230  5.634   1.00 49.53  ? 163 CYS A CB  1 
ATOM   391 S  SG  . CYS A 1 51 ? -1.595  -8.741  7.087   1.00 51.54  ? 163 CYS A SG  1 
ATOM   392 N  N   . THR A 1 52 ? -3.731  -8.746  3.986   1.00 50.85  ? 164 THR A N   1 
ATOM   393 C  CA  . THR A 1 52 ? -4.743  -7.694  3.960   1.00 52.03  ? 164 THR A CA  1 
ATOM   394 C  C   . THR A 1 52 ? -5.572  -7.607  5.238   1.00 54.93  ? 164 THR A C   1 
ATOM   395 O  O   . THR A 1 52 ? -6.254  -8.558  5.630   1.00 58.17  ? 164 THR A O   1 
ATOM   396 C  CB  . THR A 1 52 ? -5.575  -7.595  2.635   1.00 52.91  ? 164 THR A CB  1 
ATOM   397 O  OG1 . THR A 1 52 ? -6.927  -7.211  2.920   1.00 57.10  ? 164 THR A OG1 1 
ATOM   398 C  CG2 . THR A 1 52 ? -5.556  -8.866  1.842   1.00 53.99  ? 164 THR A CG2 1 
ATOM   399 N  N   . ASP A 1 53 ? -5.457  -6.451  5.888   1.00 54.92  ? 165 ASP A N   1 
ATOM   400 C  CA  . ASP A 1 53 ? -6.105  -6.172  7.161   1.00 58.31  ? 165 ASP A CA  1 
ATOM   401 C  C   . ASP A 1 53 ? -7.236  -5.163  7.001   1.00 60.15  ? 165 ASP A C   1 
ATOM   402 O  O   . ASP A 1 53 ? -7.377  -4.530  5.955   1.00 58.71  ? 165 ASP A O   1 
ATOM   403 C  CB  . ASP A 1 53 ? -5.082  -5.629  8.167   1.00 58.20  ? 165 ASP A CB  1 
ATOM   404 C  CG  . ASP A 1 53 ? -4.354  -6.724  8.916   1.00 60.14  ? 165 ASP A CG  1 
ATOM   405 O  OD1 . ASP A 1 53 ? -4.996  -7.732  9.289   1.00 63.71  ? 165 ASP A OD1 1 
ATOM   406 O  OD2 . ASP A 1 53 ? -3.135  -6.570  9.152   1.00 59.96  ? 165 ASP A OD2 1 
ATOM   407 N  N   . ILE A 1 54 ? -8.041  -5.039  8.050   1.00 64.35  ? 166 ILE A N   1 
ATOM   408 C  CA  . ILE A 1 54 ? -9.063  -4.011  8.149   1.00 67.31  ? 166 ILE A CA  1 
ATOM   409 C  C   . ILE A 1 54 ? -8.550  -2.979  9.140   1.00 68.71  ? 166 ILE A C   1 
ATOM   410 O  O   . ILE A 1 54 ? -8.173  -3.317  10.262  1.00 70.77  ? 166 ILE A O   1 
ATOM   411 C  CB  . ILE A 1 54 ? -10.428 -4.606  8.613   1.00 72.93  ? 166 ILE A CB  1 
ATOM   412 C  CG1 . ILE A 1 54 ? -11.031 -5.521  7.530   1.00 72.71  ? 166 ILE A CG1 1 
ATOM   413 C  CG2 . ILE A 1 54 ? -11.405 -3.506  9.047   1.00 76.72  ? 166 ILE A CG2 1 
ATOM   414 C  CD1 . ILE A 1 54 ? -11.417 -4.830  6.216   1.00 71.35  ? 166 ILE A CD1 1 
ATOM   415 N  N   . CYS A 1 55 ? -8.523  -1.723  8.709   1.00 68.80  ? 167 CYS A N   1 
ATOM   416 C  CA  . CYS A 1 55 ? -8.006  -0.621  9.513   1.00 70.63  ? 167 CYS A CA  1 
ATOM   417 C  C   . CYS A 1 55 ? -8.888  -0.347  10.733  1.00 77.13  ? 167 CYS A C   1 
ATOM   418 O  O   . CYS A 1 55 ? -10.121 -0.384  10.645  1.00 80.46  ? 167 CYS A O   1 
ATOM   419 C  CB  . CYS A 1 55 ? -7.855  0.627   8.633   1.00 69.08  ? 167 CYS A CB  1 
ATOM   420 S  SG  . CYS A 1 55 ? -7.289  2.115   9.466   1.00 72.71  ? 167 CYS A SG  1 
ATOM   421 N  N   . THR A 1 56 ? -8.246  -0.103  11.875  1.00 79.82  ? 168 THR A N   1 
ATOM   422 C  CA  . THR A 1 56 ? -8.963  0.194   13.121  1.00 87.13  ? 168 THR A CA  1 
ATOM   423 C  C   . THR A 1 56 ? -8.687  1.627   13.590  1.00 90.41  ? 168 THR A C   1 
ATOM   424 O  O   . THR A 1 56 ? -8.098  2.425   12.856  1.00 87.05  ? 168 THR A O   1 
ATOM   425 C  CB  . THR A 1 56 ? -8.613  -0.814  14.257  1.00 89.98  ? 168 THR A CB  1 
ATOM   426 O  OG1 . THR A 1 56 ? -7.232  -0.690  14.616  1.00 88.60  ? 168 THR A OG1 1 
ATOM   427 C  CG2 . THR A 1 56 ? -8.900  -2.253  13.827  1.00 87.77  ? 168 THR A CG2 1 
ATOM   428 N  N   . GLU A 1 57 ? -9.125  1.945   14.808  1.00 97.86  ? 169 GLU A N   1 
ATOM   429 C  CA  . GLU A 1 57 ? -8.832  3.230   15.441  1.00 102.75 ? 169 GLU A CA  1 
ATOM   430 C  C   . GLU A 1 57 ? -7.321  3.433   15.601  1.00 100.72 ? 169 GLU A C   1 
ATOM   431 O  O   . GLU A 1 57 ? -6.803  4.527   15.363  1.00 101.00 ? 169 GLU A O   1 
ATOM   432 C  CB  . GLU A 1 57 ? -9.521  3.301   16.807  1.00 111.99 ? 169 GLU A CB  1 
ATOM   433 C  CG  . GLU A 1 57 ? -9.352  4.615   17.561  1.00 118.79 ? 169 GLU A CG  1 
ATOM   434 C  CD  . GLU A 1 57 ? -9.649  4.475   19.044  1.00 128.38 ? 169 GLU A CD  1 
ATOM   435 O  OE1 . GLU A 1 57 ? -9.180  3.492   19.658  1.00 128.96 ? 169 GLU A OE1 1 
ATOM   436 O  OE2 . GLU A 1 57 ? -10.346 5.354   19.596  1.00 135.73 ? 169 GLU A OE2 1 
ATOM   437 N  N   . PHE A 1 58 ? -6.627  2.362   15.982  1.00 99.43  ? 170 PHE A N   1 
ATOM   438 C  CA  . PHE A 1 58 ? -5.213  2.424   16.341  1.00 99.34  ? 170 PHE A CA  1 
ATOM   439 C  C   . PHE A 1 58 ? -4.298  2.473   15.123  1.00 91.91  ? 170 PHE A C   1 
ATOM   440 O  O   . PHE A 1 58 ? -3.454  3.365   15.016  1.00 92.48  ? 170 PHE A O   1 
ATOM   441 C  CB  . PHE A 1 58 ? -4.841  1.250   17.258  1.00 102.25 ? 170 PHE A CB  1 
ATOM   442 C  CG  . PHE A 1 58 ? -5.716  1.133   18.483  1.00 110.42 ? 170 PHE A CG  1 
ATOM   443 C  CD1 . PHE A 1 58 ? -6.754  0.205   18.526  1.00 110.78 ? 170 PHE A CD1 1 
ATOM   444 C  CD2 . PHE A 1 58 ? -5.506  1.955   19.588  1.00 118.78 ? 170 PHE A CD2 1 
ATOM   445 C  CE1 . PHE A 1 58 ? -7.569  0.093   19.652  1.00 119.12 ? 170 PHE A CE1 1 
ATOM   446 C  CE2 . PHE A 1 58 ? -6.317  1.851   20.718  1.00 127.29 ? 170 PHE A CE2 1 
ATOM   447 C  CZ  . PHE A 1 58 ? -7.349  0.918   20.750  1.00 127.40 ? 170 PHE A CZ  1 
ATOM   448 N  N   . THR A 1 59 ? -4.477  1.522   14.207  1.00 85.69  ? 171 THR A N   1 
ATOM   449 C  CA  . THR A 1 59 ? -3.624  1.395   13.028  1.00 79.16  ? 171 THR A CA  1 
ATOM   450 C  C   . THR A 1 59 ? -3.965  2.436   11.957  1.00 76.07  ? 171 THR A C   1 
ATOM   451 O  O   . THR A 1 59 ? -4.351  2.089   10.838  1.00 71.56  ? 171 THR A O   1 
ATOM   452 C  CB  . THR A 1 59 ? -3.699  -0.028  12.423  1.00 75.01  ? 171 THR A CB  1 
ATOM   453 O  OG1 . THR A 1 59 ? -5.059  -0.338  12.093  1.00 75.40  ? 171 THR A OG1 1 
ATOM   454 C  CG2 . THR A 1 59 ? -3.165  -1.066  13.408  1.00 78.00  ? 171 THR A CG2 1 
ATOM   455 N  N   . SER A 1 60 ? -3.806  3.710   12.305  1.00 79.09  ? 172 SER A N   1 
ATOM   456 C  CA  . SER A 1 60 ? -4.120  4.810   11.396  1.00 77.44  ? 172 SER A CA  1 
ATOM   457 C  C   . SER A 1 60 ? -2.876  5.367   10.692  1.00 74.18  ? 172 SER A C   1 
ATOM   458 O  O   . SER A 1 60 ? -1.898  5.747   11.346  1.00 77.47  ? 172 SER A O   1 
ATOM   459 C  CB  . SER A 1 60 ? -4.855  5.921   12.148  1.00 84.04  ? 172 SER A CB  1 
ATOM   460 O  OG  . SER A 1 60 ? -4.039  6.466   13.171  1.00 89.98  ? 172 SER A OG  1 
ATOM   461 N  N   . GLY A 1 61 ? -2.918  5.412   9.361   1.00 68.57  ? 173 GLY A N   1 
ATOM   462 C  CA  . GLY A 1 61 ? -1.797  5.927   8.569   1.00 65.01  ? 173 GLY A CA  1 
ATOM   463 C  C   . GLY A 1 61 ? -2.114  6.205   7.109   1.00 60.52  ? 173 GLY A C   1 
ATOM   464 O  O   . GLY A 1 61 ? -3.274  6.419   6.749   1.00 61.08  ? 173 GLY A O   1 
ATOM   465 N  N   . ILE A 1 62 ? -1.078  6.196   6.267   1.00 56.67  ? 174 ILE A N   1 
ATOM   466 C  CA  . ILE A 1 62 ? -1.208  6.585   4.859   1.00 53.26  ? 174 ILE A CA  1 
ATOM   467 C  C   . ILE A 1 62 ? -0.623  5.552   3.900   1.00 48.73  ? 174 ILE A C   1 
ATOM   468 O  O   . ILE A 1 62 ? 0.290   4.805   4.255   1.00 47.50  ? 174 ILE A O   1 
ATOM   469 C  CB  . ILE A 1 62 ? -0.563  7.978   4.566   1.00 55.86  ? 174 ILE A CB  1 
ATOM   470 C  CG1 . ILE A 1 62 ? 0.934   7.969   4.895   1.00 56.67  ? 174 ILE A CG1 1 
ATOM   471 C  CG2 . ILE A 1 62 ? -1.295  9.085   5.329   1.00 60.07  ? 174 ILE A CG2 1 
ATOM   472 C  CD1 . ILE A 1 62 ? 1.751   9.032   4.180   1.00 59.06  ? 174 ILE A CD1 1 
ATOM   473 N  N   . CYS A 1 63 ? -1.158  5.525   2.683   1.00 46.60  ? 175 CYS A N   1 
ATOM   474 C  CA  . CYS A 1 63 ? -0.682  4.625   1.638   1.00 43.79  ? 175 CYS A CA  1 
ATOM   475 C  C   . CYS A 1 63 ? 0.721   5.029   1.183   1.00 44.04  ? 175 CYS A C   1 
ATOM   476 O  O   . CYS A 1 63 ? 1.003   6.220   1.021   1.00 45.46  ? 175 CYS A O   1 
ATOM   477 C  CB  . CYS A 1 63 ? -1.637  4.632   0.450   1.00 43.47  ? 175 CYS A CB  1 
ATOM   478 S  SG  . CYS A 1 63 ? -1.020  3.706   -0.958  1.00 41.73  ? 175 CYS A SG  1 
ATOM   479 N  N   . ASP A 1 64 ? 1.582   4.026   0.986   1.00 42.66  ? 176 ASP A N   1 
ATOM   480 C  CA  . ASP A 1 64 ? 2.992   4.247   0.630   1.00 44.47  ? 176 ASP A CA  1 
ATOM   481 C  C   . ASP A 1 64 ? 3.308   4.066   -0.854  1.00 44.38  ? 176 ASP A C   1 
ATOM   482 O  O   . ASP A 1 64 ? 4.470   4.185   -1.259  1.00 45.61  ? 176 ASP A O   1 
ATOM   483 C  CB  . ASP A 1 64 ? 3.911   3.358   1.479   1.00 44.66  ? 176 ASP A CB  1 
ATOM   484 C  CG  . ASP A 1 64 ? 3.793   3.657   2.954   1.00 46.63  ? 176 ASP A CG  1 
ATOM   485 O  OD1 . ASP A 1 64 ? 3.912   4.838   3.322   1.00 49.00  ? 176 ASP A OD1 1 
ATOM   486 O  OD2 . ASP A 1 64 ? 3.564   2.721   3.744   1.00 46.55  ? 176 ASP A OD2 1 
ATOM   487 N  N   . CYS A 1 65 ? 2.284   3.788   -1.660  1.00 44.11  ? 177 CYS A N   1 
ATOM   488 C  CA  . CYS A 1 65 ? 2.476   3.655   -3.102  1.00 45.19  ? 177 CYS A CA  1 
ATOM   489 C  C   . CYS A 1 65 ? 3.185   4.881   -3.673  1.00 47.78  ? 177 CYS A C   1 
ATOM   490 O  O   . CYS A 1 65 ? 2.749   6.011   -3.459  1.00 48.72  ? 177 CYS A O   1 
ATOM   491 C  CB  . CYS A 1 65 ? 1.145   3.460   -3.814  1.00 45.51  ? 177 CYS A CB  1 
ATOM   492 S  SG  . CYS A 1 65 ? 1.324   2.933   -5.532  1.00 48.80  ? 177 CYS A SG  1 
ATOM   493 N  N   . GLY A 1 66 ? 4.286   4.652   -4.382  1.00 49.42  ? 178 GLY A N   1 
ATOM   494 C  CA  . GLY A 1 66 ? 5.055   5.742   -4.977  1.00 52.74  ? 178 GLY A CA  1 
ATOM   495 C  C   . GLY A 1 66 ? 6.126   6.348   -4.081  1.00 54.79  ? 178 GLY A C   1 
ATOM   496 O  O   . GLY A 1 66 ? 6.876   7.218   -4.519  1.00 58.21  ? 178 GLY A O   1 
ATOM   497 N  N   . ASP A 1 67 ? 6.178   5.917   -2.822  1.00 53.55  ? 179 ASP A N   1 
ATOM   498 C  CA  . ASP A 1 67 ? 7.319   6.200   -1.956  1.00 56.59  ? 179 ASP A CA  1 
ATOM   499 C  C   . ASP A 1 67 ? 8.292   5.029   -2.093  1.00 57.42  ? 179 ASP A C   1 
ATOM   500 O  O   . ASP A 1 67 ? 8.123   3.986   -1.460  1.00 55.22  ? 179 ASP A O   1 
ATOM   501 C  CB  . ASP A 1 67 ? 6.890   6.383   -0.495  1.00 56.19  ? 179 ASP A CB  1 
ATOM   502 C  CG  . ASP A 1 67 ? 8.060   6.703   0.433   1.00 60.69  ? 179 ASP A CG  1 
ATOM   503 O  OD1 . ASP A 1 67 ? 9.232   6.535   0.027   1.00 64.34  ? 179 ASP A OD1 1 
ATOM   504 O  OD2 . ASP A 1 67 ? 7.810   7.126   1.582   1.00 61.57  ? 179 ASP A OD2 1 
ATOM   505 N  N   . GLU A 1 68 ? 9.314   5.216   -2.926  1.00 61.17  ? 180 GLU A N   1 
ATOM   506 C  CA  . GLU A 1 68 ? 10.228  4.131   -3.276  1.00 63.07  ? 180 GLU A CA  1 
ATOM   507 C  C   . GLU A 1 68 ? 11.083  3.599   -2.120  1.00 64.98  ? 180 GLU A C   1 
ATOM   508 O  O   . GLU A 1 68 ? 11.530  2.451   -2.161  1.00 65.54  ? 180 GLU A O   1 
ATOM   509 C  CB  . GLU A 1 68 ? 11.096  4.512   -4.482  1.00 67.66  ? 180 GLU A CB  1 
ATOM   510 C  CG  . GLU A 1 68 ? 10.355  4.472   -5.829  1.00 68.19  ? 180 GLU A CG  1 
ATOM   511 C  CD  . GLU A 1 68 ? 9.752   3.102   -6.169  1.00 67.77  ? 180 GLU A CD  1 
ATOM   512 O  OE1 . GLU A 1 68 ? 10.107  2.082   -5.528  1.00 68.00  ? 180 GLU A OE1 1 
ATOM   513 O  OE2 . GLU A 1 68 ? 8.916   3.047   -7.098  1.00 68.38  ? 180 GLU A OE2 1 
ATOM   514 N  N   . GLU A 1 69 ? 11.294  4.425   -1.096  1.00 66.87  ? 181 GLU A N   1 
ATOM   515 C  CA  . GLU A 1 69 ? 12.013  4.004   0.110   1.00 69.86  ? 181 GLU A CA  1 
ATOM   516 C  C   . GLU A 1 69 ? 11.180  3.122   1.056   1.00 66.18  ? 181 GLU A C   1 
ATOM   517 O  O   . GLU A 1 69 ? 11.664  2.697   2.111   1.00 68.94  ? 181 GLU A O   1 
ATOM   518 C  CB  . GLU A 1 69 ? 12.569  5.219   0.859   1.00 74.98  ? 181 GLU A CB  1 
ATOM   519 C  CG  . GLU A 1 69 ? 13.918  5.715   0.318   1.00 81.83  ? 181 GLU A CG  1 
ATOM   520 C  CD  . GLU A 1 69 ? 14.586  6.733   1.230   1.00 88.39  ? 181 GLU A CD  1 
ATOM   521 O  OE1 . GLU A 1 69 ? 13.905  7.276   2.129   1.00 88.43  ? 181 GLU A OE1 1 
ATOM   522 O  OE2 . GLU A 1 69 ? 15.795  6.992   1.044   1.00 95.52  ? 181 GLU A OE2 1 
ATOM   523 N  N   . ALA A 1 70 ? 9.932   2.852   0.675   1.00 60.53  ? 182 ALA A N   1 
ATOM   524 C  CA  . ALA A 1 70 ? 9.073   1.955   1.436   1.00 57.22  ? 182 ALA A CA  1 
ATOM   525 C  C   . ALA A 1 70 ? 8.972   0.574   0.782   1.00 54.91  ? 182 ALA A C   1 
ATOM   526 O  O   . ALA A 1 70 ? 8.339   -0.329  1.332   1.00 52.99  ? 182 ALA A O   1 
ATOM   527 C  CB  . ALA A 1 70 ? 7.688   2.572   1.608   1.00 54.11  ? 182 ALA A CB  1 
ATOM   528 N  N   . TRP A 1 71 ? 9.609   0.410   -0.380  1.00 55.85  ? 183 TRP A N   1 
ATOM   529 C  CA  . TRP A 1 71 ? 9.466   -0.816  -1.179  1.00 54.38  ? 183 TRP A CA  1 
ATOM   530 C  C   . TRP A 1 71 ? 10.791  -1.348  -1.732  1.00 58.97  ? 183 TRP A C   1 
ATOM   531 O  O   . TRP A 1 71 ? 11.687  -0.574  -2.077  1.00 62.68  ? 183 TRP A O   1 
ATOM   532 C  CB  . TRP A 1 71 ? 8.435   -0.608  -2.300  1.00 51.11  ? 183 TRP A CB  1 
ATOM   533 C  CG  . TRP A 1 71 ? 7.149   -0.042  -1.760  1.00 47.47  ? 183 TRP A CG  1 
ATOM   534 C  CD1 . TRP A 1 71 ? 6.731   1.254   -1.833  1.00 46.65  ? 183 TRP A CD1 1 
ATOM   535 C  CD2 . TRP A 1 71 ? 6.149   -0.744  -1.004  1.00 44.19  ? 183 TRP A CD2 1 
ATOM   536 N  NE1 . TRP A 1 71 ? 5.523   1.403   -1.191  1.00 44.33  ? 183 TRP A NE1 1 
ATOM   537 C  CE2 . TRP A 1 71 ? 5.142   0.194   -0.672  1.00 43.04  ? 183 TRP A CE2 1 
ATOM   538 C  CE3 . TRP A 1 71 ? 6.000   -2.074  -0.586  1.00 43.33  ? 183 TRP A CE3 1 
ATOM   539 C  CZ2 . TRP A 1 71 ? 4.001   -0.158  0.066   1.00 41.81  ? 183 TRP A CZ2 1 
ATOM   540 C  CZ3 . TRP A 1 71 ? 4.867   -2.427  0.146   1.00 41.88  ? 183 TRP A CZ3 1 
ATOM   541 C  CH2 . TRP A 1 71 ? 3.882   -1.470  0.465   1.00 40.99  ? 183 TRP A CH2 1 
ATOM   542 N  N   . ASN A 1 72 ? 10.904  -2.674  -1.804  1.00 59.49  ? 184 ASN A N   1 
ATOM   543 C  CA  . ASN A 1 72 ? 12.104  -3.340  -2.326  1.00 64.52  ? 184 ASN A CA  1 
ATOM   544 C  C   . ASN A 1 72 ? 12.032  -3.602  -3.830  1.00 65.65  ? 184 ASN A C   1 
ATOM   545 O  O   . ASN A 1 72 ? 13.059  -3.751  -4.490  1.00 70.48  ? 184 ASN A O   1 
ATOM   546 C  CB  . ASN A 1 72 ? 12.357  -4.664  -1.587  1.00 65.74  ? 184 ASN A CB  1 
ATOM   547 C  CG  . ASN A 1 72 ? 12.587  -4.474  -0.097  1.00 66.64  ? 184 ASN A CG  1 
ATOM   548 O  OD1 . ASN A 1 72 ? 13.353  -3.606  0.323   1.00 69.78  ? 184 ASN A OD1 1 
ATOM   549 N  ND2 . ASN A 1 72 ? 11.923  -5.295  0.714   1.00 64.16  ? 184 ASN A ND2 1 
ATOM   550 N  N   . SER A 1 73 ? 10.812  -3.680  -4.358  1.00 62.25  ? 185 SER A N   1 
ATOM   551 C  CA  . SER A 1 73 ? 10.587  -3.872  -5.792  1.00 64.09  ? 185 SER A CA  1 
ATOM   552 C  C   . SER A 1 73 ? 9.800   -2.693  -6.368  1.00 62.24  ? 185 SER A C   1 
ATOM   553 O  O   . SER A 1 73 ? 9.050   -2.040  -5.638  1.00 58.67  ? 185 SER A O   1 
ATOM   554 C  CB  . SER A 1 73 ? 9.828   -5.178  -6.049  1.00 63.19  ? 185 SER A CB  1 
ATOM   555 O  OG  . SER A 1 73 ? 10.612  -6.302  -5.699  1.00 66.55  ? 185 SER A OG  1 
ATOM   556 N  N   . PRO A 1 74 ? 9.981   -2.403  -7.673  1.00 65.69  ? 186 PRO A N   1 
ATOM   557 C  CA  . PRO A 1 74 ? 9.166   -1.362  -8.299  1.00 64.84  ? 186 PRO A CA  1 
ATOM   558 C  C   . PRO A 1 74 ? 7.706   -1.803  -8.389  1.00 62.04  ? 186 PRO A C   1 
ATOM   559 O  O   . PRO A 1 74 ? 7.417   -2.908  -8.864  1.00 63.18  ? 186 PRO A O   1 
ATOM   560 C  CB  . PRO A 1 74 ? 9.785   -1.215  -9.697  1.00 70.27  ? 186 PRO A CB  1 
ATOM   561 C  CG  . PRO A 1 74 ? 10.458  -2.529  -9.957  1.00 73.50  ? 186 PRO A CG  1 
ATOM   562 C  CD  . PRO A 1 74 ? 10.940  -3.008  -8.623  1.00 71.26  ? 186 PRO A CD  1 
ATOM   563 N  N   . LEU A 1 75 ? 6.801   -0.958  -7.899  1.00 58.91  ? 187 LEU A N   1 
ATOM   564 C  CA  . LEU A 1 75 ? 5.375   -1.266  -7.932  1.00 57.14  ? 187 LEU A CA  1 
ATOM   565 C  C   . LEU A 1 75 ? 4.712   -0.642  -9.153  1.00 59.98  ? 187 LEU A C   1 
ATOM   566 O  O   . LEU A 1 75 ? 5.253   0.281   -9.760  1.00 62.35  ? 187 LEU A O   1 
ATOM   567 C  CB  . LEU A 1 75 ? 4.679   -0.810  -6.640  1.00 53.03  ? 187 LEU A CB  1 
ATOM   568 C  CG  . LEU A 1 75 ? 5.072   -1.493  -5.321  1.00 51.24  ? 187 LEU A CG  1 
ATOM   569 C  CD1 . LEU A 1 75 ? 4.306   -0.873  -4.168  1.00 48.36  ? 187 LEU A CD1 1 
ATOM   570 C  CD2 . LEU A 1 75 ? 4.867   -3.011  -5.347  1.00 50.96  ? 187 LEU A CD2 1 
ATOM   571 N  N   . HIS A 1 76 ? 3.543   -1.165  -9.511  1.00 60.65  ? 188 HIS A N   1 
ATOM   572 C  CA  . HIS A 1 76 ? 2.775   -0.652  -10.637 1.00 64.46  ? 188 HIS A CA  1 
ATOM   573 C  C   . HIS A 1 76 ? 1.351   -0.361  -10.177 1.00 62.99  ? 188 HIS A C   1 
ATOM   574 O  O   . HIS A 1 76 ? 0.496   -1.256  -10.180 1.00 63.74  ? 188 HIS A O   1 
ATOM   575 C  CB  . HIS A 1 76 ? 2.781   -1.656  -11.795 1.00 69.52  ? 188 HIS A CB  1 
ATOM   576 C  CG  . HIS A 1 76 ? 4.154   -2.061  -12.237 1.00 72.50  ? 188 HIS A CG  1 
ATOM   577 N  ND1 . HIS A 1 76 ? 4.832   -1.414  -13.248 1.00 78.08  ? 188 HIS A ND1 1 
ATOM   578 C  CD2 . HIS A 1 76 ? 4.977   -3.044  -11.801 1.00 72.35  ? 188 HIS A CD2 1 
ATOM   579 C  CE1 . HIS A 1 76 ? 6.012   -1.985  -13.420 1.00 80.26  ? 188 HIS A CE1 1 
ATOM   580 N  NE2 . HIS A 1 76 ? 6.125   -2.976  -12.553 1.00 76.97  ? 188 HIS A NE2 1 
ATOM   581 N  N   . CYS A 1 77 ? 1.126   0.892   -9.773  1.00 61.38  ? 189 CYS A N   1 
ATOM   582 C  CA  . CYS A 1 77 ? -0.142  1.381   -9.220  1.00 60.90  ? 189 CYS A CA  1 
ATOM   583 C  C   . CYS A 1 77 ? -1.354  0.864   -9.995  1.00 65.30  ? 189 CYS A C   1 
ATOM   584 O  O   . CYS A 1 77 ? -1.430  1.029   -11.219 1.00 70.30  ? 189 CYS A O   1 
ATOM   585 C  CB  . CYS A 1 77 ? -0.143  2.926   -9.201  1.00 61.36  ? 189 CYS A CB  1 
ATOM   586 S  SG  . CYS A 1 77 ? -1.192  3.723   -7.936  1.00 57.96  ? 189 CYS A SG  1 
ATOM   587 N  N   . LYS A 1 78 ? -2.292  0.241   -9.281  1.00 64.54  ? 190 LYS A N   1 
ATOM   588 C  CA  . LYS A 1 78 ? -3.525  -0.274  -9.890  1.00 69.74  ? 190 LYS A CA  1 
ATOM   589 C  C   . LYS A 1 78 ? -4.380  0.841   -10.503 1.00 74.50  ? 190 LYS A C   1 
ATOM   590 O  O   . LYS A 1 78 ? -5.017  0.641   -11.538 1.00 80.61  ? 190 LYS A O   1 
ATOM   591 C  CB  . LYS A 1 78 ? -4.359  -1.071  -8.879  1.00 67.93  ? 190 LYS A CB  1 
ATOM   592 C  CG  . LYS A 1 78 ? -5.288  -2.100  -9.529  1.00 73.87  ? 190 LYS A CG  1 
ATOM   593 C  CD  . LYS A 1 78 ? -6.636  -2.182  -8.826  1.00 75.95  ? 190 LYS A CD  1 
ATOM   594 C  CE  . LYS A 1 78 ? -7.539  -3.212  -9.495  1.00 82.84  ? 190 LYS A CE  1 
ATOM   595 N  NZ  . LYS A 1 78 ? -8.987  -2.954  -9.232  1.00 87.23  ? 190 LYS A NZ  1 
ATOM   596 N  N   . ALA A 1 79 ? -4.390  2.008   -9.860  1.00 72.86  ? 191 ALA A N   1 
ATOM   597 C  CA  . ALA A 1 79 ? -5.116  3.175   -10.370 1.00 77.84  ? 191 ALA A CA  1 
ATOM   598 C  C   . ALA A 1 79 ? -4.564  3.653   -11.715 1.00 82.58  ? 191 ALA A C   1 
ATOM   599 O  O   . ALA A 1 79 ? -5.296  4.223   -12.525 1.00 88.69  ? 191 ALA A O   1 
ATOM   600 C  CB  . ALA A 1 79 ? -5.086  4.304   -9.352  1.00 74.86  ? 191 ALA A CB  1 
ATOM   601 N  N   . GLU A 1 80 ? -3.279  3.387   -11.947 1.00 80.90  ? 192 GLU A N   1 
ATOM   602 C  CA  . GLU A 1 80 ? -2.567  3.842   -13.141 1.00 85.45  ? 192 GLU A CA  1 
ATOM   603 C  C   . GLU A 1 80 ? -2.912  3.048   -14.407 1.00 92.09  ? 192 GLU A C   1 
ATOM   604 O  O   . GLU A 1 80 ? -2.660  3.512   -15.522 1.00 97.99  ? 192 GLU A O   1 
ATOM   605 C  CB  . GLU A 1 80 ? -1.055  3.814   -12.886 1.00 81.75  ? 192 GLU A CB  1 
ATOM   606 C  CG  . GLU A 1 80 ? -0.275  4.917   -13.577 1.00 85.58  ? 192 GLU A CG  1 
ATOM   607 C  CD  . GLU A 1 80 ? -0.818  6.303   -13.268 1.00 87.18  ? 192 GLU A CD  1 
ATOM   608 O  OE1 . GLU A 1 80 ? -0.816  6.705   -12.083 1.00 83.08  ? 192 GLU A OE1 1 
ATOM   609 O  OE2 . GLU A 1 80 ? -1.243  6.991   -14.219 1.00 93.55  ? 192 GLU A OE2 1 
ATOM   610 N  N   . GLU A 1 81 ? -3.486  1.858   -14.236 1.00 92.22  ? 193 GLU A N   1 
ATOM   611 C  CA  . GLU A 1 81 ? -3.899  1.032   -15.371 1.00 99.46  ? 193 GLU A CA  1 
ATOM   612 C  C   . GLU A 1 81 ? -5.409  1.102   -15.592 1.00 104.97 ? 193 GLU A C   1 
ATOM   613 O  O   . GLU A 1 81 ? -5.981  2.188   -15.695 1.00 107.48 ? 193 GLU A O   1 
ATOM   614 C  CB  . GLU A 1 81 ? -3.437  -0.424  -15.199 1.00 97.60  ? 193 GLU A CB  1 
ATOM   615 C  CG  . GLU A 1 81 ? -4.171  -1.216  -14.116 1.00 93.95  ? 193 GLU A CG  1 
ATOM   616 C  CD  . GLU A 1 81 ? -3.591  -2.606  -13.891 1.00 92.27  ? 193 GLU A CD  1 
ATOM   617 O  OE1 . GLU A 1 81 ? -4.384  -3.566  -13.779 1.00 94.99  ? 193 GLU A OE1 1 
ATOM   618 O  OE2 . GLU A 1 81 ? -2.348  -2.744  -13.822 1.00 89.58  ? 193 GLU A OE2 1 
ATOM   619 N  N   . HIS B 2 1  ? 2.812   5.266   5.699   1.00 77.06  ? 1   HIS B N   1 
ATOM   620 C  CA  . HIS B 2 1  ? 3.114   4.195   6.689   1.00 77.18  ? 1   HIS B CA  1 
ATOM   621 C  C   . HIS B 2 1  ? 1.980   4.035   7.687   1.00 77.53  ? 1   HIS B C   1 
ATOM   622 O  O   . HIS B 2 1  ? 1.155   4.932   7.842   1.00 77.48  ? 1   HIS B O   1 
ATOM   623 C  CB  . HIS B 2 1  ? 4.430   4.484   7.415   1.00 76.99  ? 1   HIS B CB  1 
ATOM   624 C  CG  . HIS B 2 1  ? 5.628   4.454   6.519   1.00 76.37  ? 1   HIS B CG  1 
ATOM   625 N  ND1 . HIS B 2 1  ? 6.472   3.368   6.441   1.00 75.55  ? 1   HIS B ND1 1 
ATOM   626 C  CD2 . HIS B 2 1  ? 6.113   5.370   5.649   1.00 75.70  ? 1   HIS B CD2 1 
ATOM   627 C  CE1 . HIS B 2 1  ? 7.430   3.618   5.567   1.00 75.32  ? 1   HIS B CE1 1 
ATOM   628 N  NE2 . HIS B 2 1  ? 7.235   4.828   5.072   1.00 75.43  ? 1   HIS B NE2 1 
ATOM   629 N  N   . ILE B 2 2  ? 1.946   2.889   8.358   1.00 78.06  ? 2   ILE B N   1 
ATOM   630 C  CA  . ILE B 2 2  ? 0.905   2.601   9.337   1.00 78.69  ? 2   ILE B CA  1 
ATOM   631 C  C   . ILE B 2 2  ? 1.480   2.587   10.760  1.00 79.02  ? 2   ILE B C   1 
ATOM   632 O  O   . ILE B 2 2  ? 2.702   2.557   10.937  1.00 79.18  ? 2   ILE B O   1 
ATOM   633 C  CB  . ILE B 2 2  ? 0.151   1.282   8.988   1.00 78.71  ? 2   ILE B CB  1 
ATOM   634 C  CG1 . ILE B 2 2  ? -1.342  1.401   9.312   1.00 78.88  ? 2   ILE B CG1 1 
ATOM   635 C  CG2 . ILE B 2 2  ? 0.808   0.055   9.639   1.00 78.95  ? 2   ILE B CG2 1 
ATOM   636 C  CD1 . ILE B 2 2  ? -2.142  2.164   8.259   1.00 79.16  ? 2   ILE B CD1 1 
ATOM   637 N  N   . ALA B 2 3  ? 0.597   2.625   11.758  1.00 79.42  ? 3   ALA B N   1 
ATOM   638 C  CA  . ALA B 2 3  ? 0.989   2.693   13.171  1.00 79.64  ? 3   ALA B CA  1 
ATOM   639 C  C   . ALA B 2 3  ? 1.900   1.539   13.600  1.00 79.83  ? 3   ALA B C   1 
ATOM   640 O  O   . ALA B 2 3  ? 3.028   1.762   14.052  1.00 80.02  ? 3   ALA B O   1 
ATOM   641 C  CB  . ALA B 2 3  ? -0.247  2.751   14.058  1.00 79.64  ? 3   ALA B CB  1 
HETATM 642 ZN ZN  . ZN  C 3 .  ? -2.699  4.439   -2.345  1.00 44.79  ? 1   ZN  A ZN  1 
HETATM 643 ZN ZN  . ZN  D 3 .  ? -0.853  4.098   -6.067  1.00 51.02  ? 2   ZN  A ZN  1 
HETATM 644 ZN ZN  . ZN  E 3 .  ? 4.778   -8.263  -2.963  1.00 48.19  ? 3   ZN  A ZN  1 
HETATM 645 O  O   . HOH F 4 .  ? 5.004   7.343   2.482   1.00 47.75  ? 4   HOH A O   1 
HETATM 646 O  O   . HOH F 4 .  ? -6.912  -3.262  -4.695  1.00 45.70  ? 5   HOH A O   1 
HETATM 647 O  O   . HOH F 4 .  ? 3.012   -10.457 4.947   1.00 52.72  ? 6   HOH A O   1 
HETATM 648 O  O   . HOH F 4 .  ? 1.151   -3.165  -6.014  1.00 44.30  ? 7   HOH A O   1 
HETATM 649 O  O   . HOH F 4 .  ? 8.214   -6.680  4.972   1.00 47.46  ? 8   HOH A O   1 
HETATM 650 O  O   . HOH F 4 .  ? -5.676  6.308   8.971   1.00 74.65  ? 9   HOH A O   1 
HETATM 651 O  O   . HOH F 4 .  ? 3.085   8.044   0.822   1.00 41.76  ? 10  HOH A O   1 
HETATM 652 O  O   . HOH F 4 .  ? 14.283  -2.449  5.688   1.00 69.02  ? 11  HOH A O   1 
HETATM 653 O  O   . HOH F 4 .  ? 5.321   -6.245  5.603   1.00 48.42  ? 12  HOH A O   1 
HETATM 654 O  O   . HOH F 4 .  ? 12.174  -0.620  -6.394  1.00 70.72  ? 13  HOH A O   1 
HETATM 655 O  O   . HOH F 4 .  ? 6.268   -6.731  -6.704  1.00 58.81  ? 14  HOH A O   1 
HETATM 656 O  O   . HOH F 4 .  ? 4.111   -11.009 -9.331  1.00 55.76  ? 15  HOH A O   1 
HETATM 657 O  O   . HOH F 4 .  ? -11.398 0.859   15.940  1.00 58.81  ? 16  HOH A O   1 
HETATM 658 O  O   . HOH F 4 .  ? 1.583   -8.360  8.105   1.00 51.45  ? 17  HOH A O   1 
HETATM 659 O  O   . HOH F 4 .  ? -7.940  0.936   1.260   1.00 43.09  ? 18  HOH A O   1 
HETATM 660 O  O   . HOH F 4 .  ? -9.498  7.001   2.626   1.00 62.54  ? 19  HOH A O   1 
HETATM 661 O  O   . HOH F 4 .  ? 5.491   -7.303  -13.201 1.00 63.04  ? 195 HOH A O   1 
HETATM 662 O  O   . HOH F 4 .  ? 4.573   -4.221  3.186   1.00 36.43  ? 196 HOH A O   1 
HETATM 663 O  O   . HOH F 4 .  ? 0.838   -0.457  -5.885  1.00 42.29  ? 197 HOH A O   1 
# 
